data_6WHQ
#
_entry.id   6WHQ
#
_cell.length_a   92.442
_cell.length_b   97.301
_cell.length_c   138.637
_cell.angle_alpha   90.000
_cell.angle_beta   90.000
_cell.angle_gamma   90.000
#
_symmetry.space_group_name_H-M   'P 21 21 21'
#
loop_
_entity.id
_entity.type
_entity.pdbx_description
1 polymer 'Histone deacetylase 2'
2 polymer 'U2M-ASN-PRO-GLU-GLN-DLY-TRP-GLY peptide macrocycle'
3 non-polymer 'ZINC ION'
4 non-polymer 'SODIUM ION'
5 non-polymer '2-[N-CYCLOHEXYLAMINO]ETHANE SULFONIC ACID'
6 non-polymer 'TRIETHYLENE GLYCOL'
7 non-polymer 'TETRAETHYLENE GLYCOL'
8 water water
#
loop_
_entity_poly.entity_id
_entity_poly.type
_entity_poly.pdbx_seq_one_letter_code
_entity_poly.pdbx_strand_id
1 'polypeptide(L)'
;AAYSQGGGKKKVCYYYDGDIGNYYYGQGHPMKPHRIRMTHNLLLNYGLYRKMEIYRPHKATAEEMTKYHSDEYIKFLRSI
RPDNMSEYSKQMQRFNVGEDCPVFDGLFEFCQLSTGGSVAGAVKLNRQQTDMAVNWAGGLHHAKKSEASGFCYVNDIVLA
ILELLKYHQRVLYIDIDIHHGDGVEEAFYTTDRVMTVSFHKYGEYFPGTGDLRDIGAGKGKYYAVNFPMRDGIDDESYGQ
IFKPIISKVMEMYQPSAVVLQCGADSLSGDRLGCFNLTVKGHAKCVEVVKTFNLPLLMLGGGGYTIRNVARCWTYETAVA
LDCEIPNELPYNDYFEYFGPDFKLHISPSNMTNQNTPEYMEKIKQRLFENLRMLPHAPGVQMQAI
;
A,B,C
2 'polypeptide(L)' (U2M)NPEQ(DLY)WG F,G,H
#
loop_
_chem_comp.id
_chem_comp.type
_chem_comp.name
_chem_comp.formula
NA non-polymer 'SODIUM ION' 'Na 1'
NHE non-polymer '2-[N-CYCLOHEXYLAMINO]ETHANE SULFONIC ACID' 'C8 H17 N O3 S'
PG4 non-polymer 'TETRAETHYLENE GLYCOL' 'C8 H18 O5'
PGE non-polymer 'TRIETHYLENE GLYCOL' 'C6 H14 O4'
ZN non-polymer 'ZINC ION' 'Zn 2'
#
# COMPACT_ATOMS: atom_id res chain seq x y z
N ALA A 2 12.32 -12.04 -42.63
CA ALA A 2 12.05 -10.67 -42.24
C ALA A 2 10.55 -10.41 -42.13
N TYR A 3 9.75 -11.35 -42.63
CA TYR A 3 8.30 -11.23 -42.64
C TYR A 3 7.66 -11.72 -41.35
N SER A 4 8.45 -12.11 -40.36
CA SER A 4 7.90 -12.64 -39.12
C SER A 4 7.24 -11.53 -38.30
N GLN A 5 6.11 -11.86 -37.68
CA GLN A 5 5.38 -10.92 -36.85
C GLN A 5 5.17 -11.46 -35.43
N GLY A 6 5.80 -12.57 -35.08
CA GLY A 6 5.69 -13.11 -33.74
C GLY A 6 4.40 -13.82 -33.43
N GLY A 7 3.63 -14.21 -34.44
CA GLY A 7 2.37 -14.88 -34.25
C GLY A 7 2.40 -16.33 -34.70
N GLY A 8 1.22 -16.86 -34.97
CA GLY A 8 1.08 -18.22 -35.42
C GLY A 8 1.19 -19.23 -34.29
N LYS A 9 0.72 -20.44 -34.57
CA LYS A 9 0.82 -21.52 -33.60
C LYS A 9 2.27 -21.90 -33.37
N LYS A 10 2.57 -22.30 -32.14
CA LYS A 10 3.94 -22.58 -31.73
C LYS A 10 4.22 -24.09 -31.77
N LYS A 11 5.48 -24.43 -32.02
CA LYS A 11 5.92 -25.81 -31.97
C LYS A 11 6.20 -26.18 -30.52
N VAL A 12 5.50 -27.21 -30.02
CA VAL A 12 5.55 -27.59 -28.62
C VAL A 12 6.12 -29.00 -28.53
N CYS A 13 7.14 -29.17 -27.69
CA CYS A 13 7.69 -30.48 -27.37
C CYS A 13 7.40 -30.79 -25.91
N TYR A 14 6.96 -32.01 -25.65
CA TYR A 14 6.39 -32.42 -24.38
C TYR A 14 7.17 -33.63 -23.86
N TYR A 15 7.64 -33.56 -22.63
CA TYR A 15 8.49 -34.58 -22.04
C TYR A 15 7.74 -35.31 -20.92
N TYR A 16 7.78 -36.64 -20.95
CA TYR A 16 7.05 -37.44 -19.99
C TYR A 16 7.61 -38.85 -19.98
N ASP A 17 7.81 -39.39 -18.77
CA ASP A 17 8.25 -40.76 -18.57
C ASP A 17 7.16 -41.51 -17.81
N GLY A 18 6.69 -42.62 -18.38
CA GLY A 18 5.59 -43.37 -17.79
C GLY A 18 5.87 -43.89 -16.39
N ASP A 19 7.14 -43.97 -15.99
CA ASP A 19 7.49 -44.45 -14.67
C ASP A 19 7.40 -43.38 -13.59
N ILE A 20 7.11 -42.13 -13.96
CA ILE A 20 7.15 -41.04 -12.99
C ILE A 20 6.04 -41.19 -11.95
N GLY A 21 4.89 -41.75 -12.35
CA GLY A 21 3.76 -41.84 -11.45
C GLY A 21 3.85 -42.91 -10.39
N ASN A 22 4.86 -43.78 -10.46
CA ASN A 22 5.03 -44.86 -9.50
C ASN A 22 5.88 -44.46 -8.30
N TYR A 23 6.61 -43.35 -8.38
CA TYR A 23 7.42 -42.91 -7.25
C TYR A 23 6.52 -42.35 -6.15
N TYR A 24 6.77 -42.78 -4.91
CA TYR A 24 5.85 -42.53 -3.80
C TYR A 24 6.63 -41.90 -2.65
N TYR A 25 6.23 -40.70 -2.26
CA TYR A 25 6.97 -39.96 -1.23
C TYR A 25 6.77 -40.58 0.15
N GLY A 26 5.67 -41.28 0.37
CA GLY A 26 5.37 -41.86 1.66
C GLY A 26 3.94 -41.57 2.09
N GLN A 27 3.51 -42.33 3.11
CA GLN A 27 2.15 -42.22 3.61
C GLN A 27 1.89 -40.81 4.16
N GLY A 28 0.80 -40.20 3.70
CA GLY A 28 0.41 -38.89 4.15
C GLY A 28 1.21 -37.73 3.59
N HIS A 29 2.14 -37.99 2.69
CA HIS A 29 2.94 -36.89 2.13
C HIS A 29 2.17 -36.19 1.02
N PRO A 30 2.11 -34.85 1.02
CA PRO A 30 1.31 -34.16 0.01
C PRO A 30 1.84 -34.30 -1.41
N MET A 31 3.15 -34.37 -1.59
CA MET A 31 3.72 -34.45 -2.93
C MET A 31 3.46 -35.83 -3.52
N LYS A 32 2.66 -35.88 -4.59
CA LYS A 32 2.29 -37.14 -5.22
C LYS A 32 2.65 -37.11 -6.70
N PRO A 33 3.79 -37.69 -7.10
CA PRO A 33 4.15 -37.71 -8.53
C PRO A 33 3.11 -38.36 -9.42
N HIS A 34 2.14 -39.07 -8.83
CA HIS A 34 1.03 -39.63 -9.60
C HIS A 34 0.23 -38.54 -10.32
N ARG A 35 0.27 -37.30 -9.82
CA ARG A 35 -0.46 -36.21 -10.47
C ARG A 35 0.05 -35.96 -11.88
N ILE A 36 1.32 -36.29 -12.15
CA ILE A 36 1.88 -36.07 -13.48
C ILE A 36 1.33 -37.09 -14.45
N ARG A 37 1.16 -38.34 -14.00
CA ARG A 37 0.53 -39.35 -14.85
C ARG A 37 -0.93 -39.04 -15.09
N MET A 38 -1.63 -38.54 -14.06
CA MET A 38 -3.01 -38.09 -14.25
C MET A 38 -3.09 -37.01 -15.32
N THR A 39 -2.15 -36.05 -15.28
CA THR A 39 -2.12 -35.00 -16.28
C THR A 39 -1.90 -35.59 -17.68
N HIS A 40 -0.91 -36.47 -17.81
CA HIS A 40 -0.59 -37.06 -19.10
C HIS A 40 -1.79 -37.81 -19.68
N ASN A 41 -2.40 -38.68 -18.88
CA ASN A 41 -3.52 -39.48 -19.36
C ASN A 41 -4.72 -38.60 -19.72
N LEU A 42 -4.90 -37.49 -19.02
CA LEU A 42 -6.03 -36.61 -19.31
C LEU A 42 -5.84 -35.91 -20.66
N LEU A 43 -4.66 -35.33 -20.88
CA LEU A 43 -4.42 -34.65 -22.15
C LEU A 43 -4.31 -35.63 -23.32
N LEU A 44 -3.97 -36.90 -23.06
CA LEU A 44 -4.03 -37.90 -24.11
C LEU A 44 -5.46 -38.16 -24.55
N ASN A 45 -6.37 -38.31 -23.59
CA ASN A 45 -7.78 -38.54 -23.92
C ASN A 45 -8.43 -37.31 -24.52
N TYR A 46 -7.87 -36.12 -24.30
CA TYR A 46 -8.34 -34.94 -25.01
C TYR A 46 -7.86 -34.90 -26.45
N GLY A 47 -6.88 -35.73 -26.80
CA GLY A 47 -6.33 -35.74 -28.14
C GLY A 47 -5.20 -34.77 -28.39
N LEU A 48 -4.64 -34.16 -27.34
CA LEU A 48 -3.59 -33.16 -27.50
C LEU A 48 -2.28 -33.75 -27.99
N TYR A 49 -2.12 -35.08 -27.94
CA TYR A 49 -0.91 -35.70 -28.47
C TYR A 49 -0.78 -35.55 -29.98
N ARG A 50 -1.89 -35.29 -30.68
CA ARG A 50 -1.85 -35.13 -32.12
C ARG A 50 -1.33 -33.76 -32.55
N LYS A 51 -1.19 -32.81 -31.62
CA LYS A 51 -0.74 -31.46 -31.93
C LYS A 51 0.68 -31.16 -31.46
N MET A 52 1.31 -32.05 -30.72
CA MET A 52 2.65 -31.80 -30.21
C MET A 52 3.50 -33.06 -30.33
N GLU A 53 4.81 -32.87 -30.23
CA GLU A 53 5.75 -33.98 -30.21
C GLU A 53 6.00 -34.40 -28.77
N ILE A 54 5.91 -35.69 -28.51
CA ILE A 54 6.08 -36.24 -27.16
C ILE A 54 7.41 -36.99 -27.12
N TYR A 55 8.25 -36.62 -26.16
CA TYR A 55 9.55 -37.25 -25.97
C TYR A 55 9.61 -37.88 -24.58
N ARG A 56 10.40 -38.95 -24.47
CA ARG A 56 10.70 -39.53 -23.18
C ARG A 56 12.07 -39.04 -22.73
N PRO A 57 12.16 -38.31 -21.63
CA PRO A 57 13.45 -37.72 -21.24
C PRO A 57 14.43 -38.78 -20.78
N HIS A 58 15.71 -38.47 -20.92
CA HIS A 58 16.75 -39.33 -20.40
C HIS A 58 16.88 -39.14 -18.90
N LYS A 59 17.61 -40.05 -18.26
CA LYS A 59 17.94 -39.92 -16.84
C LYS A 59 19.18 -39.03 -16.72
N ALA A 60 19.01 -37.84 -16.17
CA ALA A 60 20.14 -36.93 -16.00
C ALA A 60 21.22 -37.56 -15.13
N THR A 61 22.46 -37.49 -15.58
CA THR A 61 23.57 -38.10 -14.87
C THR A 61 24.04 -37.21 -13.72
N ALA A 62 24.93 -37.75 -12.90
CA ALA A 62 25.50 -36.97 -11.80
C ALA A 62 26.32 -35.79 -12.32
N GLU A 63 27.00 -35.97 -13.45
CA GLU A 63 27.74 -34.87 -14.05
C GLU A 63 26.81 -33.71 -14.40
N GLU A 64 25.65 -34.02 -14.99
CA GLU A 64 24.71 -32.95 -15.33
C GLU A 64 24.17 -32.27 -14.07
N MET A 65 23.97 -33.04 -13.00
CA MET A 65 23.46 -32.47 -11.76
C MET A 65 24.53 -31.63 -11.05
N THR A 66 25.78 -32.07 -11.12
CA THR A 66 26.88 -31.32 -10.48
C THR A 66 27.26 -30.07 -11.24
N LYS A 67 26.56 -29.73 -12.33
CA LYS A 67 26.75 -28.43 -12.95
C LYS A 67 26.34 -27.31 -12.03
N TYR A 68 25.53 -27.61 -11.01
CA TYR A 68 25.16 -26.63 -9.99
C TYR A 68 25.35 -27.21 -8.60
N HIS A 69 24.81 -28.41 -8.36
CA HIS A 69 24.88 -29.02 -7.05
C HIS A 69 26.30 -29.49 -6.74
N SER A 70 26.58 -29.61 -5.44
CA SER A 70 27.90 -30.06 -5.01
C SER A 70 28.06 -31.56 -5.21
N ASP A 71 29.32 -32.00 -5.31
CA ASP A 71 29.60 -33.41 -5.49
C ASP A 71 29.15 -34.22 -4.28
N GLU A 72 29.30 -33.66 -3.07
CA GLU A 72 28.93 -34.39 -1.86
C GLU A 72 27.43 -34.58 -1.78
N TYR A 73 26.65 -33.57 -2.18
CA TYR A 73 25.20 -33.68 -2.10
C TYR A 73 24.66 -34.65 -3.14
N ILE A 74 25.24 -34.65 -4.34
CA ILE A 74 24.78 -35.57 -5.38
C ILE A 74 25.17 -37.00 -5.04
N LYS A 75 26.40 -37.21 -4.56
CA LYS A 75 26.82 -38.54 -4.15
C LYS A 75 25.92 -39.09 -3.05
N PHE A 76 25.49 -38.22 -2.13
CA PHE A 76 24.56 -38.64 -1.09
C PHE A 76 23.23 -39.08 -1.68
N LEU A 77 22.72 -38.34 -2.67
CA LEU A 77 21.45 -38.69 -3.28
C LEU A 77 21.52 -40.03 -4.02
N ARG A 78 22.68 -40.34 -4.62
CA ARG A 78 22.82 -41.63 -5.31
C ARG A 78 22.87 -42.79 -4.33
N SER A 79 23.36 -42.56 -3.12
CA SER A 79 23.61 -43.64 -2.18
C SER A 79 22.47 -43.86 -1.20
N ILE A 80 21.79 -42.80 -0.79
CA ILE A 80 20.79 -42.92 0.27
C ILE A 80 19.62 -43.76 -0.21
N ARG A 81 19.18 -44.70 0.63
CA ARG A 81 18.07 -45.58 0.34
C ARG A 81 17.35 -45.87 1.64
N PRO A 82 16.09 -46.32 1.59
CA PRO A 82 15.38 -46.65 2.83
C PRO A 82 16.04 -47.74 3.64
N ASP A 83 16.84 -48.62 3.03
CA ASP A 83 17.45 -49.73 3.74
C ASP A 83 18.79 -49.38 4.39
N ASN A 84 19.32 -48.18 4.16
CA ASN A 84 20.58 -47.78 4.78
C ASN A 84 20.49 -46.38 5.39
N MET A 85 19.29 -45.96 5.79
CA MET A 85 19.14 -44.63 6.39
C MET A 85 19.87 -44.53 7.72
N SER A 86 19.99 -45.64 8.45
CA SER A 86 20.63 -45.60 9.76
C SER A 86 22.11 -45.22 9.65
N GLU A 87 22.78 -45.66 8.58
CA GLU A 87 24.19 -45.36 8.43
C GLU A 87 24.44 -43.91 8.02
N TYR A 88 23.44 -43.24 7.43
CA TYR A 88 23.56 -41.86 6.97
C TYR A 88 22.80 -40.88 7.85
N SER A 89 22.73 -41.15 9.15
CA SER A 89 21.92 -40.33 10.05
C SER A 89 22.41 -38.89 10.07
N LYS A 90 23.73 -38.70 10.10
CA LYS A 90 24.27 -37.34 10.11
C LYS A 90 24.19 -36.69 8.74
N GLN A 91 24.42 -37.46 7.67
CA GLN A 91 24.36 -36.91 6.33
C GLN A 91 22.95 -36.50 5.94
N MET A 92 21.94 -37.23 6.44
CA MET A 92 20.56 -36.85 6.17
C MET A 92 20.21 -35.49 6.75
N GLN A 93 20.81 -35.13 7.89
CA GLN A 93 20.48 -33.86 8.52
C GLN A 93 21.17 -32.69 7.83
N ARG A 94 22.45 -32.85 7.45
CA ARG A 94 23.16 -31.74 6.82
C ARG A 94 22.63 -31.44 5.43
N PHE A 95 22.05 -32.43 4.76
CA PHE A 95 21.46 -32.25 3.44
C PHE A 95 19.96 -32.07 3.48
N ASN A 96 19.38 -31.94 4.68
CA ASN A 96 17.96 -31.67 4.88
C ASN A 96 17.09 -32.71 4.19
N VAL A 97 17.37 -33.98 4.46
CA VAL A 97 16.62 -35.09 3.93
C VAL A 97 16.17 -35.96 5.10
N GLY A 98 14.88 -36.31 5.13
CA GLY A 98 14.36 -37.16 6.18
C GLY A 98 13.09 -36.65 6.83
N GLU A 99 12.69 -35.43 6.49
CA GLU A 99 11.46 -34.86 7.05
C GLU A 99 10.53 -34.42 5.92
N ASP A 100 10.61 -33.15 5.54
CA ASP A 100 9.82 -32.67 4.40
C ASP A 100 10.22 -33.36 3.11
N CYS A 101 11.51 -33.68 2.97
CA CYS A 101 12.04 -34.36 1.79
C CYS A 101 12.49 -35.76 2.19
N PRO A 102 11.57 -36.71 2.31
CA PRO A 102 11.93 -38.02 2.85
C PRO A 102 12.71 -38.85 1.83
N VAL A 103 13.29 -39.93 2.34
CA VAL A 103 13.93 -40.95 1.50
C VAL A 103 12.86 -41.95 1.08
N PHE A 104 12.80 -42.24 -0.21
CA PHE A 104 11.88 -43.25 -0.72
C PHE A 104 12.57 -44.03 -1.84
N ASP A 105 11.98 -45.16 -2.20
CA ASP A 105 12.55 -46.02 -3.23
C ASP A 105 12.61 -45.29 -4.56
N GLY A 106 13.77 -45.34 -5.20
CA GLY A 106 13.95 -44.68 -6.49
C GLY A 106 14.05 -43.18 -6.40
N LEU A 107 14.51 -42.64 -5.27
CA LEU A 107 14.58 -41.20 -5.10
C LEU A 107 15.49 -40.55 -6.14
N PHE A 108 16.67 -41.14 -6.36
CA PHE A 108 17.60 -40.56 -7.33
C PHE A 108 17.06 -40.68 -8.75
N GLU A 109 16.41 -41.80 -9.07
CA GLU A 109 15.81 -41.95 -10.39
C GLU A 109 14.72 -40.91 -10.63
N PHE A 110 13.92 -40.63 -9.60
CA PHE A 110 12.91 -39.57 -9.72
C PHE A 110 13.55 -38.23 -10.03
N CYS A 111 14.67 -37.92 -9.37
CA CYS A 111 15.40 -36.70 -9.67
C CYS A 111 15.95 -36.71 -11.09
N GLN A 112 16.39 -37.87 -11.57
CA GLN A 112 16.90 -37.96 -12.93
C GLN A 112 15.80 -37.71 -13.95
N LEU A 113 14.63 -38.33 -13.78
CA LEU A 113 13.54 -38.14 -14.71
C LEU A 113 13.03 -36.71 -14.68
N SER A 114 12.90 -36.13 -13.48
CA SER A 114 12.47 -34.74 -13.36
C SER A 114 13.46 -33.80 -14.03
N THR A 115 14.75 -33.99 -13.74
CA THR A 115 15.78 -33.11 -14.28
C THR A 115 16.01 -33.36 -15.76
N GLY A 116 15.94 -34.62 -16.19
CA GLY A 116 16.18 -34.94 -17.59
C GLY A 116 15.23 -34.23 -18.53
N GLY A 117 13.96 -34.09 -18.13
CA GLY A 117 13.00 -33.38 -18.96
C GLY A 117 13.30 -31.90 -19.09
N SER A 118 13.83 -31.29 -18.03
CA SER A 118 14.11 -29.86 -18.08
C SER A 118 15.37 -29.55 -18.89
N VAL A 119 16.42 -30.33 -18.71
CA VAL A 119 17.66 -30.07 -19.44
C VAL A 119 17.49 -30.44 -20.92
N ALA A 120 16.75 -31.51 -21.21
CA ALA A 120 16.48 -31.85 -22.60
C ALA A 120 15.59 -30.82 -23.27
N GLY A 121 14.64 -30.25 -22.52
CA GLY A 121 13.85 -29.16 -23.05
C GLY A 121 14.70 -27.94 -23.39
N ALA A 122 15.66 -27.62 -22.51
CA ALA A 122 16.54 -26.48 -22.77
C ALA A 122 17.44 -26.73 -23.97
N VAL A 123 17.94 -27.96 -24.11
CA VAL A 123 18.75 -28.32 -25.27
C VAL A 123 17.93 -28.18 -26.54
N LYS A 124 16.70 -28.70 -26.53
CA LYS A 124 15.81 -28.56 -27.67
C LYS A 124 15.57 -27.09 -28.01
N LEU A 125 15.45 -26.24 -26.99
CA LEU A 125 15.28 -24.82 -27.24
C LEU A 125 16.57 -24.19 -27.76
N ASN A 126 17.72 -24.60 -27.23
CA ASN A 126 18.99 -24.04 -27.70
C ASN A 126 19.23 -24.37 -29.16
N ARG A 127 18.88 -25.59 -29.58
CA ARG A 127 19.07 -26.01 -30.96
C ARG A 127 18.04 -25.39 -31.91
N GLN A 128 17.12 -24.57 -31.39
CA GLN A 128 16.08 -23.92 -32.19
C GLN A 128 15.23 -24.96 -32.92
N GLN A 129 14.87 -26.03 -32.22
CA GLN A 129 14.03 -27.07 -32.78
C GLN A 129 12.62 -27.07 -32.20
N THR A 130 12.29 -26.11 -31.35
CA THR A 130 10.95 -25.98 -30.83
C THR A 130 10.74 -24.55 -30.36
N ASP A 131 9.47 -24.16 -30.25
CA ASP A 131 9.13 -22.88 -29.65
C ASP A 131 8.94 -23.00 -28.14
N MET A 132 8.31 -24.09 -27.70
CA MET A 132 8.08 -24.32 -26.29
C MET A 132 8.41 -25.76 -25.96
N ALA A 133 8.91 -25.97 -24.74
CA ALA A 133 9.20 -27.30 -24.21
C ALA A 133 8.52 -27.43 -22.87
N VAL A 134 7.80 -28.53 -22.67
CA VAL A 134 6.94 -28.73 -21.51
C VAL A 134 7.45 -29.94 -20.73
N ASN A 135 7.71 -29.73 -19.44
CA ASN A 135 8.12 -30.80 -18.52
C ASN A 135 7.37 -30.60 -17.21
N TRP A 136 6.22 -31.26 -17.08
CA TRP A 136 5.42 -31.11 -15.86
C TRP A 136 6.07 -31.80 -14.67
N ALA A 137 7.01 -32.72 -14.89
CA ALA A 137 7.73 -33.35 -13.79
C ALA A 137 8.82 -32.45 -13.22
N GLY A 138 9.15 -31.36 -13.89
CA GLY A 138 10.13 -30.42 -13.41
C GLY A 138 9.51 -29.29 -12.61
N GLY A 139 10.29 -28.23 -12.43
CA GLY A 139 9.84 -27.08 -11.67
C GLY A 139 10.10 -27.13 -10.18
N LEU A 140 11.01 -27.99 -9.73
CA LEU A 140 11.28 -28.17 -8.31
C LEU A 140 12.19 -27.04 -7.84
N HIS A 141 11.58 -25.91 -7.50
CA HIS A 141 12.27 -24.63 -7.37
C HIS A 141 12.90 -24.39 -6.01
N HIS A 142 12.69 -25.28 -5.04
CA HIS A 142 13.22 -25.07 -3.70
C HIS A 142 14.59 -25.68 -3.48
N ALA A 143 15.02 -26.60 -4.35
CA ALA A 143 16.28 -27.31 -4.12
C ALA A 143 17.47 -26.36 -4.13
N LYS A 144 18.33 -26.49 -3.12
CA LYS A 144 19.50 -25.66 -2.97
C LYS A 144 20.73 -26.38 -3.52
N LYS A 145 21.88 -25.69 -3.49
CA LYS A 145 23.10 -26.25 -4.06
C LYS A 145 23.54 -27.51 -3.32
N SER A 146 23.43 -27.52 -2.00
CA SER A 146 23.95 -28.64 -1.21
C SER A 146 22.94 -29.12 -0.17
N GLU A 147 21.64 -28.99 -0.46
CA GLU A 147 20.64 -29.48 0.46
C GLU A 147 19.28 -29.51 -0.23
N ALA A 148 18.42 -30.40 0.24
CA ALA A 148 17.04 -30.48 -0.23
C ALA A 148 16.18 -29.49 0.55
N SER A 149 15.01 -29.19 -0.01
CA SER A 149 14.11 -28.22 0.59
C SER A 149 12.76 -28.30 -0.12
N GLY A 150 11.68 -28.15 0.67
CA GLY A 150 10.33 -28.08 0.15
C GLY A 150 9.98 -29.12 -0.89
N PHE A 151 10.15 -30.40 -0.55
CA PHE A 151 9.84 -31.55 -1.38
C PHE A 151 10.73 -31.64 -2.62
N CYS A 152 11.73 -30.77 -2.75
CA CYS A 152 12.61 -30.73 -3.91
C CYS A 152 14.00 -31.19 -3.52
N TYR A 153 14.63 -31.96 -4.40
CA TYR A 153 15.97 -32.50 -4.15
C TYR A 153 16.99 -31.95 -5.13
N VAL A 154 16.76 -32.08 -6.43
CA VAL A 154 17.64 -31.54 -7.46
C VAL A 154 16.89 -30.41 -8.16
N ASN A 155 17.53 -29.26 -8.28
CA ASN A 155 16.89 -28.08 -8.85
C ASN A 155 17.03 -28.15 -10.37
N ASP A 156 16.01 -28.76 -11.01
CA ASP A 156 16.04 -28.90 -12.46
C ASP A 156 15.98 -27.55 -13.16
N ILE A 157 15.36 -26.55 -12.54
CA ILE A 157 15.25 -25.24 -13.16
C ILE A 157 16.62 -24.60 -13.33
N VAL A 158 17.42 -24.60 -12.26
CA VAL A 158 18.75 -23.98 -12.32
C VAL A 158 19.59 -24.69 -13.37
N LEU A 159 19.55 -26.03 -13.40
CA LEU A 159 20.32 -26.76 -14.41
C LEU A 159 19.83 -26.45 -15.82
N ALA A 160 18.51 -26.33 -16.00
CA ALA A 160 17.97 -26.01 -17.33
C ALA A 160 18.34 -24.59 -17.74
N ILE A 161 18.38 -23.66 -16.78
CA ILE A 161 18.75 -22.28 -17.10
C ILE A 161 20.24 -22.18 -17.42
N LEU A 162 21.06 -22.90 -16.66
CA LEU A 162 22.48 -22.97 -17.00
C LEU A 162 22.71 -23.53 -18.40
N GLU A 163 21.84 -24.45 -18.83
CA GLU A 163 21.91 -24.94 -20.20
C GLU A 163 21.51 -23.87 -21.20
N LEU A 164 20.48 -23.07 -20.87
CA LEU A 164 20.07 -22.00 -21.76
C LEU A 164 21.14 -20.90 -21.84
N LEU A 165 21.87 -20.68 -20.75
CA LEU A 165 22.90 -19.65 -20.74
C LEU A 165 24.07 -19.97 -21.66
N LYS A 166 24.13 -21.17 -22.23
CA LYS A 166 25.18 -21.48 -23.20
C LYS A 166 24.96 -20.74 -24.51
N TYR A 167 23.71 -20.40 -24.84
CA TYR A 167 23.41 -19.75 -26.09
C TYR A 167 22.55 -18.49 -25.96
N HIS A 168 22.07 -18.17 -24.76
CA HIS A 168 21.24 -16.99 -24.53
C HIS A 168 21.93 -16.06 -23.55
N GLN A 169 22.02 -14.78 -23.90
CA GLN A 169 22.71 -13.83 -23.03
C GLN A 169 21.92 -13.57 -21.76
N ARG A 170 20.60 -13.42 -21.86
CA ARG A 170 19.74 -13.14 -20.72
C ARG A 170 18.56 -14.09 -20.72
N VAL A 171 18.30 -14.71 -19.57
CA VAL A 171 17.21 -15.66 -19.39
C VAL A 171 16.27 -15.13 -18.32
N LEU A 172 14.96 -15.19 -18.58
CA LEU A 172 13.95 -14.74 -17.65
C LEU A 172 13.28 -15.94 -16.99
N TYR A 173 13.20 -15.93 -15.67
CA TYR A 173 12.54 -16.97 -14.90
C TYR A 173 11.33 -16.37 -14.19
N ILE A 174 10.16 -16.97 -14.40
CA ILE A 174 8.91 -16.53 -13.81
C ILE A 174 8.31 -17.68 -13.02
N ASP A 175 7.88 -17.39 -11.78
CA ASP A 175 7.48 -18.41 -10.81
C ASP A 175 6.11 -18.04 -10.28
N ILE A 176 5.06 -18.69 -10.77
CA ILE A 176 3.69 -18.45 -10.31
C ILE A 176 3.25 -19.49 -9.30
N ASP A 177 4.15 -20.34 -8.81
CA ASP A 177 3.89 -21.17 -7.65
C ASP A 177 3.55 -20.28 -6.46
N ILE A 178 2.64 -20.77 -5.60
CA ILE A 178 2.24 -19.98 -4.44
C ILE A 178 3.40 -19.75 -3.48
N HIS A 179 4.46 -20.56 -3.58
CA HIS A 179 5.64 -20.41 -2.74
C HIS A 179 6.72 -19.65 -3.49
N HIS A 180 7.57 -18.97 -2.73
CA HIS A 180 8.66 -18.20 -3.31
C HIS A 180 9.69 -19.12 -3.94
N GLY A 181 10.15 -18.77 -5.14
CA GLY A 181 11.17 -19.54 -5.82
C GLY A 181 12.54 -19.27 -5.27
N ASP A 182 12.78 -19.69 -4.03
CA ASP A 182 14.01 -19.32 -3.34
C ASP A 182 15.23 -19.99 -3.94
N GLY A 183 15.14 -21.28 -4.27
CA GLY A 183 16.27 -21.99 -4.83
C GLY A 183 16.75 -21.41 -6.15
N VAL A 184 15.82 -20.98 -7.00
CA VAL A 184 16.21 -20.39 -8.27
C VAL A 184 16.76 -18.98 -8.06
N GLU A 185 16.08 -18.17 -7.25
CA GLU A 185 16.56 -16.82 -6.97
C GLU A 185 17.94 -16.84 -6.34
N GLU A 186 18.18 -17.76 -5.40
CA GLU A 186 19.48 -17.83 -4.73
C GLU A 186 20.60 -18.17 -5.71
N ALA A 187 20.32 -19.08 -6.65
CA ALA A 187 21.37 -19.51 -7.58
C ALA A 187 21.83 -18.37 -8.49
N PHE A 188 20.92 -17.46 -8.85
CA PHE A 188 21.23 -16.38 -9.77
C PHE A 188 21.09 -15.01 -9.12
N TYR A 189 21.31 -14.95 -7.80
CA TYR A 189 21.05 -13.71 -7.06
C TYR A 189 22.08 -12.63 -7.39
N THR A 190 23.29 -13.03 -7.77
CA THR A 190 24.39 -12.09 -7.97
C THR A 190 24.77 -11.92 -9.45
N THR A 191 23.89 -12.31 -10.37
CA THR A 191 24.16 -12.17 -11.79
C THR A 191 22.99 -11.49 -12.48
N ASP A 192 23.30 -10.71 -13.51
CA ASP A 192 22.29 -10.05 -14.33
C ASP A 192 21.93 -10.85 -15.57
N ARG A 193 22.55 -12.00 -15.77
CA ARG A 193 22.22 -12.85 -16.92
C ARG A 193 20.96 -13.66 -16.72
N VAL A 194 20.47 -13.76 -15.49
CA VAL A 194 19.21 -14.43 -15.19
C VAL A 194 18.40 -13.50 -14.28
N MET A 195 17.20 -13.17 -14.72
CA MET A 195 16.26 -12.38 -13.92
C MET A 195 15.17 -13.31 -13.40
N THR A 196 14.98 -13.31 -12.09
CA THR A 196 13.98 -14.16 -11.45
C THR A 196 12.82 -13.30 -10.97
N VAL A 197 11.60 -13.67 -11.37
CA VAL A 197 10.38 -12.99 -10.96
C VAL A 197 9.48 -14.01 -10.29
N SER A 198 9.15 -13.78 -9.03
CA SER A 198 8.34 -14.72 -8.26
C SER A 198 7.12 -14.01 -7.69
N PHE A 199 5.95 -14.61 -7.90
CA PHE A 199 4.71 -14.19 -7.26
C PHE A 199 4.34 -15.27 -6.24
N HIS A 200 4.08 -14.86 -5.00
CA HIS A 200 3.93 -15.85 -3.93
C HIS A 200 3.23 -15.24 -2.73
N LYS A 201 2.67 -16.12 -1.90
CA LYS A 201 2.17 -15.73 -0.59
C LYS A 201 3.34 -15.50 0.35
N TYR A 202 3.28 -14.41 1.10
CA TYR A 202 4.39 -14.02 1.98
C TYR A 202 3.87 -13.65 3.35
N GLY A 203 4.63 -14.01 4.37
CA GLY A 203 4.22 -13.77 5.75
C GLY A 203 3.73 -15.01 6.45
N GLU A 204 4.56 -15.56 7.33
CA GLU A 204 4.26 -16.80 8.06
C GLU A 204 3.90 -17.92 7.08
N TYR A 205 4.80 -18.16 6.14
CA TYR A 205 4.55 -19.11 5.06
C TYR A 205 5.88 -19.59 4.50
N PHE A 206 5.92 -20.86 4.13
CA PHE A 206 7.12 -21.42 3.52
C PHE A 206 7.42 -20.70 2.21
N PRO A 207 8.70 -20.48 1.87
CA PRO A 207 9.89 -20.82 2.67
C PRO A 207 10.34 -19.69 3.60
N GLY A 208 9.60 -18.58 3.62
CA GLY A 208 9.94 -17.44 4.45
C GLY A 208 10.72 -16.36 3.73
N THR A 209 11.14 -16.60 2.49
CA THR A 209 11.87 -15.63 1.71
C THR A 209 10.91 -14.96 0.72
N GLY A 210 11.47 -14.14 -0.18
CA GLY A 210 10.66 -13.47 -1.18
C GLY A 210 10.10 -12.13 -0.76
N ASP A 211 10.78 -11.41 0.14
CA ASP A 211 10.33 -10.08 0.51
C ASP A 211 10.41 -9.15 -0.69
N LEU A 212 9.54 -8.14 -0.68
CA LEU A 212 9.56 -7.12 -1.73
C LEU A 212 10.92 -6.46 -1.87
N ARG A 213 11.64 -6.29 -0.76
CA ARG A 213 12.90 -5.58 -0.75
C ARG A 213 14.09 -6.45 -1.14
N ASP A 214 13.87 -7.72 -1.44
CA ASP A 214 14.92 -8.60 -1.96
C ASP A 214 14.98 -8.41 -3.48
N ILE A 215 16.00 -7.71 -3.95
CA ILE A 215 16.09 -7.31 -5.35
C ILE A 215 17.37 -7.80 -6.02
N GLY A 216 18.19 -8.58 -5.34
CA GLY A 216 19.45 -9.02 -5.88
C GLY A 216 20.62 -8.31 -5.24
N ALA A 217 21.81 -8.84 -5.51
CA ALA A 217 23.04 -8.31 -4.95
C ALA A 217 24.12 -8.26 -6.02
N GLY A 218 25.06 -7.33 -5.83
CA GLY A 218 26.18 -7.22 -6.76
C GLY A 218 25.72 -6.86 -8.16
N LYS A 219 26.28 -7.55 -9.15
CA LYS A 219 25.90 -7.32 -10.54
C LYS A 219 24.45 -7.71 -10.82
N GLY A 220 23.85 -8.52 -9.96
CA GLY A 220 22.46 -8.92 -10.09
C GLY A 220 21.48 -8.06 -9.34
N LYS A 221 21.91 -6.90 -8.84
CA LYS A 221 20.99 -6.01 -8.15
C LYS A 221 19.95 -5.47 -9.11
N TYR A 222 18.69 -5.47 -8.68
CA TYR A 222 17.50 -5.13 -9.45
C TYR A 222 17.12 -6.21 -10.47
N TYR A 223 17.81 -7.34 -10.46
CA TYR A 223 17.48 -8.46 -11.34
C TYR A 223 16.80 -9.60 -10.58
N ALA A 224 16.19 -9.30 -9.44
CA ALA A 224 15.34 -10.24 -8.71
C ALA A 224 14.08 -9.50 -8.30
N VAL A 225 12.93 -9.98 -8.74
CA VAL A 225 11.64 -9.33 -8.51
C VAL A 225 10.79 -10.25 -7.66
N ASN A 226 10.20 -9.71 -6.59
CA ASN A 226 9.35 -10.47 -5.70
C ASN A 226 8.05 -9.71 -5.46
N PHE A 227 6.92 -10.39 -5.66
CA PHE A 227 5.60 -9.81 -5.42
C PHE A 227 4.97 -10.53 -4.24
N PRO A 228 5.13 -10.03 -3.02
CA PRO A 228 4.49 -10.69 -1.86
C PRO A 228 2.99 -10.46 -1.85
N MET A 229 2.24 -11.52 -1.58
CA MET A 229 0.79 -11.48 -1.60
C MET A 229 0.23 -12.06 -0.30
N ARG A 230 -1.07 -11.85 -0.09
CA ARG A 230 -1.80 -12.34 1.06
C ARG A 230 -2.74 -13.47 0.64
N ASP A 231 -3.56 -13.92 1.59
CA ASP A 231 -4.46 -15.05 1.32
C ASP A 231 -5.60 -14.64 0.41
N GLY A 232 -6.04 -15.60 -0.41
CA GLY A 232 -7.31 -15.48 -1.11
C GLY A 232 -7.32 -14.67 -2.38
N ILE A 233 -6.17 -14.45 -3.01
CA ILE A 233 -6.15 -13.69 -4.26
C ILE A 233 -6.90 -14.47 -5.33
N ASP A 234 -7.61 -13.75 -6.19
CA ASP A 234 -8.47 -14.35 -7.21
C ASP A 234 -7.95 -13.99 -8.61
N ASP A 235 -8.66 -14.48 -9.63
CA ASP A 235 -8.21 -14.31 -11.01
C ASP A 235 -8.12 -12.84 -11.39
N GLU A 236 -9.14 -12.05 -11.04
CA GLU A 236 -9.16 -10.65 -11.46
C GLU A 236 -8.03 -9.85 -10.84
N SER A 237 -7.76 -10.08 -9.55
CA SER A 237 -6.69 -9.36 -8.88
C SER A 237 -5.32 -9.83 -9.36
N TYR A 238 -5.18 -11.13 -9.64
CA TYR A 238 -3.91 -11.66 -10.11
C TYR A 238 -3.58 -11.17 -11.51
N GLY A 239 -4.54 -11.29 -12.43
CA GLY A 239 -4.33 -10.82 -13.79
C GLY A 239 -4.17 -9.32 -13.90
N GLN A 240 -4.65 -8.57 -12.90
CA GLN A 240 -4.51 -7.12 -12.92
C GLN A 240 -3.07 -6.67 -12.77
N ILE A 241 -2.20 -7.52 -12.23
CA ILE A 241 -0.82 -7.11 -11.97
C ILE A 241 0.16 -7.98 -12.74
N PHE A 242 -0.23 -9.21 -13.08
CA PHE A 242 0.72 -10.12 -13.73
C PHE A 242 1.13 -9.61 -15.10
N LYS A 243 0.16 -9.29 -15.95
CA LYS A 243 0.47 -8.83 -17.29
C LYS A 243 1.27 -7.53 -17.30
N PRO A 244 0.90 -6.48 -16.55
CA PRO A 244 1.73 -5.27 -16.58
C PRO A 244 3.11 -5.45 -15.97
N ILE A 245 3.26 -6.30 -14.94
CA ILE A 245 4.59 -6.54 -14.39
C ILE A 245 5.47 -7.26 -15.40
N ILE A 246 4.94 -8.33 -16.00
CA ILE A 246 5.73 -9.09 -16.97
C ILE A 246 6.02 -8.25 -18.20
N SER A 247 5.06 -7.43 -18.64
CA SER A 247 5.28 -6.58 -19.80
C SER A 247 6.44 -5.62 -19.58
N LYS A 248 6.49 -5.00 -18.40
CA LYS A 248 7.59 -4.09 -18.10
C LYS A 248 8.92 -4.83 -17.97
N VAL A 249 8.89 -6.05 -17.43
CA VAL A 249 10.11 -6.86 -17.36
C VAL A 249 10.62 -7.18 -18.75
N MET A 250 9.72 -7.54 -19.67
CA MET A 250 10.12 -7.82 -21.05
C MET A 250 10.71 -6.58 -21.71
N GLU A 251 10.14 -5.40 -21.43
CA GLU A 251 10.62 -4.17 -22.05
C GLU A 251 12.01 -3.81 -21.52
N MET A 252 12.18 -3.81 -20.20
CA MET A 252 13.44 -3.39 -19.60
C MET A 252 14.53 -4.45 -19.76
N TYR A 253 14.21 -5.70 -19.43
CA TYR A 253 15.23 -6.75 -19.40
C TYR A 253 15.50 -7.32 -20.78
N GLN A 254 14.45 -7.46 -21.59
CA GLN A 254 14.54 -8.00 -22.95
C GLN A 254 15.31 -9.32 -22.97
N PRO A 255 14.74 -10.40 -22.45
CA PRO A 255 15.43 -11.69 -22.48
C PRO A 255 15.30 -12.34 -23.85
N SER A 256 16.19 -13.30 -24.09
CA SER A 256 16.11 -14.11 -25.30
C SER A 256 15.52 -15.49 -25.04
N ALA A 257 15.27 -15.84 -23.79
CA ALA A 257 14.65 -17.11 -23.42
C ALA A 257 13.92 -16.93 -22.11
N VAL A 258 12.83 -17.68 -21.94
CA VAL A 258 11.98 -17.57 -20.76
C VAL A 258 11.75 -18.96 -20.17
N VAL A 259 11.81 -19.05 -18.84
CA VAL A 259 11.48 -20.26 -18.11
C VAL A 259 10.30 -19.93 -17.19
N LEU A 260 9.20 -20.68 -17.34
CA LEU A 260 7.98 -20.42 -16.60
C LEU A 260 7.67 -21.62 -15.71
N GLN A 261 7.73 -21.42 -14.39
CA GLN A 261 7.34 -22.43 -13.43
C GLN A 261 5.85 -22.27 -13.14
N CYS A 262 5.07 -23.31 -13.44
CA CYS A 262 3.62 -23.22 -13.35
C CYS A 262 3.07 -24.01 -12.17
N GLY A 263 3.60 -23.77 -10.97
CA GLY A 263 3.11 -24.46 -9.79
C GLY A 263 1.62 -24.33 -9.60
N ALA A 264 0.93 -25.46 -9.50
CA ALA A 264 -0.54 -25.49 -9.40
C ALA A 264 -1.04 -25.29 -7.98
N ASP A 265 -0.16 -25.20 -6.98
CA ASP A 265 -0.61 -25.01 -5.62
C ASP A 265 -1.09 -23.58 -5.35
N SER A 266 -1.09 -22.71 -6.36
CA SER A 266 -1.69 -21.40 -6.27
C SER A 266 -3.15 -21.40 -6.71
N LEU A 267 -3.76 -22.57 -6.88
CA LEU A 267 -5.15 -22.69 -7.29
C LEU A 267 -6.06 -22.73 -6.07
N SER A 268 -7.34 -22.41 -6.32
CA SER A 268 -8.36 -22.51 -5.29
C SER A 268 -8.52 -23.95 -4.84
N GLY A 269 -8.50 -24.17 -3.53
CA GLY A 269 -8.73 -25.48 -2.97
C GLY A 269 -7.51 -26.35 -2.81
N ASP A 270 -6.31 -25.79 -2.99
CA ASP A 270 -5.11 -26.59 -2.84
C ASP A 270 -4.93 -27.05 -1.40
N ARG A 271 -4.39 -28.26 -1.25
CA ARG A 271 -4.19 -28.84 0.07
C ARG A 271 -3.27 -27.99 0.94
N LEU A 272 -2.27 -27.35 0.32
CA LEU A 272 -1.32 -26.52 1.05
C LEU A 272 -1.45 -25.03 0.70
N GLY A 273 -2.15 -24.68 -0.38
CA GLY A 273 -2.23 -23.31 -0.80
C GLY A 273 -3.44 -22.58 -0.23
N CYS A 274 -3.31 -21.25 -0.16
CA CYS A 274 -4.38 -20.38 0.37
C CYS A 274 -4.80 -19.34 -0.65
N PHE A 275 -4.47 -19.53 -1.92
CA PHE A 275 -4.94 -18.65 -2.98
C PHE A 275 -6.32 -19.08 -3.46
N ASN A 276 -6.90 -18.32 -4.37
CA ASN A 276 -8.25 -18.57 -4.87
C ASN A 276 -8.30 -18.43 -6.39
N LEU A 277 -7.27 -18.92 -7.06
CA LEU A 277 -7.22 -18.86 -8.52
C LEU A 277 -7.95 -20.06 -9.12
N THR A 278 -8.54 -19.84 -10.28
CA THR A 278 -9.11 -20.92 -11.08
C THR A 278 -8.08 -21.35 -12.14
N VAL A 279 -8.44 -22.39 -12.88
CA VAL A 279 -7.56 -22.87 -13.94
C VAL A 279 -7.41 -21.79 -15.02
N LYS A 280 -8.50 -21.11 -15.36
CA LYS A 280 -8.42 -20.06 -16.38
C LYS A 280 -7.53 -18.90 -15.91
N GLY A 281 -7.69 -18.47 -14.66
CA GLY A 281 -6.84 -17.40 -14.16
C GLY A 281 -5.39 -17.81 -14.07
N HIS A 282 -5.13 -19.07 -13.71
CA HIS A 282 -3.77 -19.58 -13.71
C HIS A 282 -3.22 -19.64 -15.14
N ALA A 283 -3.96 -20.27 -16.05
CA ALA A 283 -3.54 -20.39 -17.45
C ALA A 283 -3.42 -19.03 -18.13
N LYS A 284 -4.07 -17.99 -17.60
CA LYS A 284 -3.90 -16.66 -18.16
C LYS A 284 -2.44 -16.23 -18.12
N CYS A 285 -1.69 -16.70 -17.13
CA CYS A 285 -0.26 -16.38 -17.06
C CYS A 285 0.51 -17.01 -18.20
N VAL A 286 0.11 -18.20 -18.64
CA VAL A 286 0.77 -18.82 -19.78
C VAL A 286 0.46 -18.06 -21.06
N GLU A 287 -0.78 -17.55 -21.19
CA GLU A 287 -1.15 -16.77 -22.36
C GLU A 287 -0.32 -15.50 -22.45
N VAL A 288 -0.05 -14.85 -21.32
CA VAL A 288 0.69 -13.59 -21.33
C VAL A 288 2.13 -13.82 -21.75
N VAL A 289 2.78 -14.82 -21.15
CA VAL A 289 4.17 -15.11 -21.47
C VAL A 289 4.29 -15.59 -22.92
N LYS A 290 3.30 -16.34 -23.40
CA LYS A 290 3.36 -16.91 -24.73
C LYS A 290 3.30 -15.83 -25.81
N THR A 291 2.61 -14.72 -25.54
CA THR A 291 2.45 -13.66 -26.55
C THR A 291 3.80 -13.10 -26.98
N PHE A 292 4.76 -13.01 -26.05
CA PHE A 292 6.03 -12.36 -26.36
C PHE A 292 6.88 -13.14 -27.35
N ASN A 293 6.52 -14.38 -27.66
CA ASN A 293 7.17 -15.19 -28.70
C ASN A 293 8.68 -15.29 -28.46
N LEU A 294 9.01 -15.91 -27.34
CA LEU A 294 10.38 -16.21 -26.97
C LEU A 294 10.50 -17.69 -26.70
N PRO A 295 11.70 -18.27 -26.86
CA PRO A 295 11.92 -19.65 -26.42
C PRO A 295 11.48 -19.85 -24.98
N LEU A 296 10.40 -20.62 -24.79
CA LEU A 296 9.75 -20.75 -23.50
C LEU A 296 9.82 -22.19 -23.01
N LEU A 297 10.33 -22.38 -21.79
CA LEU A 297 10.35 -23.68 -21.12
C LEU A 297 9.31 -23.65 -20.01
N MET A 298 8.26 -24.45 -20.17
CA MET A 298 7.20 -24.53 -19.17
C MET A 298 7.44 -25.72 -18.26
N LEU A 299 7.44 -25.48 -16.94
CA LEU A 299 7.73 -26.50 -15.95
C LEU A 299 6.59 -26.63 -14.96
N GLY A 300 6.60 -27.74 -14.23
CA GLY A 300 5.61 -27.97 -13.20
C GLY A 300 5.99 -27.35 -11.88
N GLY A 301 5.82 -28.10 -10.79
CA GLY A 301 6.14 -27.58 -9.47
C GLY A 301 5.14 -28.03 -8.42
N GLY A 302 4.69 -27.08 -7.60
CA GLY A 302 3.74 -27.37 -6.55
C GLY A 302 2.37 -27.77 -7.11
N GLY A 303 1.50 -28.15 -6.18
CA GLY A 303 0.17 -28.62 -6.53
C GLY A 303 -0.17 -29.89 -5.77
N TYR A 304 -1.10 -29.79 -4.82
CA TYR A 304 -1.32 -30.87 -3.87
C TYR A 304 -2.79 -31.23 -3.69
N THR A 305 -3.67 -30.66 -4.50
CA THR A 305 -5.00 -31.22 -4.77
C THR A 305 -4.92 -31.75 -6.19
N ILE A 306 -4.56 -33.04 -6.31
CA ILE A 306 -4.04 -33.56 -7.58
C ILE A 306 -5.08 -33.55 -8.70
N ARG A 307 -6.37 -33.61 -8.38
CA ARG A 307 -7.38 -33.51 -9.43
C ARG A 307 -7.34 -32.15 -10.10
N ASN A 308 -7.09 -31.09 -9.35
CA ASN A 308 -6.99 -29.76 -9.95
C ASN A 308 -5.64 -29.56 -10.64
N VAL A 309 -4.59 -30.22 -10.14
CA VAL A 309 -3.29 -30.17 -10.82
C VAL A 309 -3.40 -30.77 -12.20
N ALA A 310 -4.08 -31.93 -12.33
CA ALA A 310 -4.28 -32.53 -13.64
C ALA A 310 -5.10 -31.60 -14.54
N ARG A 311 -6.11 -30.95 -13.98
CA ARG A 311 -6.89 -29.98 -14.76
C ARG A 311 -6.01 -28.82 -15.23
N CYS A 312 -5.24 -28.25 -14.30
CA CYS A 312 -4.49 -27.03 -14.58
C CYS A 312 -3.45 -27.25 -15.67
N TRP A 313 -2.65 -28.32 -15.54
CA TRP A 313 -1.58 -28.57 -16.50
C TRP A 313 -2.08 -29.14 -17.81
N THR A 314 -3.24 -29.78 -17.83
CA THR A 314 -3.84 -30.20 -19.10
C THR A 314 -4.29 -28.99 -19.90
N TYR A 315 -5.00 -28.06 -19.25
CA TYR A 315 -5.51 -26.88 -19.96
C TYR A 315 -4.36 -25.98 -20.40
N GLU A 316 -3.31 -25.87 -19.59
CA GLU A 316 -2.19 -25.01 -19.95
C GLU A 316 -1.36 -25.62 -21.08
N THR A 317 -1.39 -26.94 -21.23
CA THR A 317 -0.81 -27.55 -22.43
C THR A 317 -1.64 -27.21 -23.65
N ALA A 318 -2.97 -27.30 -23.53
CA ALA A 318 -3.85 -26.90 -24.63
C ALA A 318 -3.67 -25.43 -24.96
N VAL A 319 -3.48 -24.59 -23.94
CA VAL A 319 -3.22 -23.18 -24.18
C VAL A 319 -1.92 -23.01 -24.96
N ALA A 320 -0.88 -23.77 -24.61
CA ALA A 320 0.37 -23.71 -25.35
C ALA A 320 0.19 -24.15 -26.79
N LEU A 321 -0.71 -25.11 -27.02
CA LEU A 321 -0.99 -25.59 -28.37
C LEU A 321 -2.01 -24.73 -29.11
N ASP A 322 -2.58 -23.71 -28.44
CA ASP A 322 -3.67 -22.91 -29.02
C ASP A 322 -4.83 -23.80 -29.45
N CYS A 323 -5.13 -24.80 -28.63
CA CYS A 323 -6.19 -25.77 -28.90
C CYS A 323 -7.28 -25.60 -27.85
N GLU A 324 -8.50 -25.28 -28.30
CA GLU A 324 -9.63 -25.22 -27.39
C GLU A 324 -10.16 -26.61 -27.12
N ILE A 325 -10.37 -26.95 -25.86
CA ILE A 325 -10.86 -28.27 -25.48
C ILE A 325 -12.15 -28.09 -24.68
N PRO A 326 -13.12 -29.01 -24.83
CA PRO A 326 -14.40 -28.84 -24.14
C PRO A 326 -14.28 -28.96 -22.64
N ASN A 327 -15.19 -28.29 -21.93
CA ASN A 327 -15.18 -28.31 -20.48
C ASN A 327 -15.55 -29.68 -19.93
N GLU A 328 -16.39 -30.44 -20.64
CA GLU A 328 -16.71 -31.80 -20.23
C GLU A 328 -15.49 -32.70 -20.39
N LEU A 329 -15.03 -33.25 -19.28
CA LEU A 329 -13.83 -34.09 -19.31
C LEU A 329 -14.12 -35.38 -20.07
N PRO A 330 -13.25 -35.79 -20.97
CA PRO A 330 -13.39 -37.12 -21.57
C PRO A 330 -13.08 -38.20 -20.55
N TYR A 331 -13.54 -39.41 -20.85
CA TYR A 331 -13.22 -40.53 -19.99
C TYR A 331 -11.72 -40.75 -19.98
N ASN A 332 -11.19 -41.17 -18.82
CA ASN A 332 -9.76 -41.41 -18.66
C ASN A 332 -9.57 -42.43 -17.55
N ASP A 333 -8.31 -42.81 -17.33
CA ASP A 333 -7.99 -43.82 -16.32
C ASP A 333 -8.24 -43.35 -14.89
N TYR A 334 -8.53 -42.06 -14.69
CA TYR A 334 -8.72 -41.50 -13.36
C TYR A 334 -9.97 -40.66 -13.33
N PHE A 335 -10.98 -41.07 -14.11
CA PHE A 335 -12.21 -40.30 -14.25
C PHE A 335 -12.90 -40.06 -12.91
N GLU A 336 -12.76 -41.00 -11.97
CA GLU A 336 -13.41 -40.84 -10.68
C GLU A 336 -12.75 -39.76 -9.82
N TYR A 337 -11.48 -39.43 -10.08
CA TYR A 337 -10.81 -38.38 -9.33
C TYR A 337 -11.44 -37.01 -9.52
N PHE A 338 -12.17 -36.81 -10.61
CA PHE A 338 -12.66 -35.48 -10.99
C PHE A 338 -14.12 -35.26 -10.64
N GLY A 339 -14.72 -36.12 -9.82
CA GLY A 339 -16.06 -35.89 -9.36
C GLY A 339 -16.13 -34.72 -8.41
N PRO A 340 -17.34 -34.26 -8.08
CA PRO A 340 -18.61 -34.80 -8.59
C PRO A 340 -19.08 -34.14 -9.88
N ASP A 341 -18.28 -33.21 -10.42
CA ASP A 341 -18.67 -32.45 -11.59
C ASP A 341 -18.12 -33.03 -12.89
N PHE A 342 -16.92 -33.62 -12.86
CA PHE A 342 -16.26 -34.17 -14.05
C PHE A 342 -16.07 -33.11 -15.12
N LYS A 343 -15.87 -31.86 -14.71
CA LYS A 343 -15.58 -30.75 -15.61
C LYS A 343 -14.09 -30.41 -15.57
N LEU A 344 -13.64 -29.72 -16.61
CA LEU A 344 -12.23 -29.35 -16.68
C LEU A 344 -11.92 -28.14 -15.81
N HIS A 345 -12.76 -27.12 -15.84
CA HIS A 345 -12.50 -25.89 -15.11
C HIS A 345 -13.17 -25.91 -13.74
N ILE A 346 -12.60 -25.17 -12.81
CA ILE A 346 -13.06 -25.15 -11.43
C ILE A 346 -13.61 -23.76 -11.11
N SER A 347 -14.34 -23.69 -10.00
CA SER A 347 -14.89 -22.45 -9.48
C SER A 347 -14.15 -22.01 -8.22
N PRO A 348 -14.01 -20.71 -7.99
CA PRO A 348 -13.34 -20.25 -6.78
C PRO A 348 -14.21 -20.45 -5.55
N SER A 349 -13.58 -20.36 -4.38
CA SER A 349 -14.29 -20.50 -3.12
C SER A 349 -14.82 -19.14 -2.67
N ASN A 350 -15.52 -19.12 -1.55
CA ASN A 350 -16.04 -17.89 -0.96
C ASN A 350 -15.05 -17.22 -0.01
N MET A 351 -13.78 -17.63 -0.05
CA MET A 351 -12.80 -17.09 0.89
C MET A 351 -12.53 -15.62 0.57
N THR A 352 -12.19 -14.87 1.62
CA THR A 352 -11.95 -13.45 1.45
C THR A 352 -10.61 -13.22 0.76
N ASN A 353 -10.59 -12.25 -0.16
CA ASN A 353 -9.36 -11.84 -0.82
C ASN A 353 -8.71 -10.78 0.04
N GLN A 354 -7.73 -11.19 0.85
CA GLN A 354 -7.03 -10.25 1.72
C GLN A 354 -6.10 -9.32 0.95
N ASN A 355 -6.01 -9.47 -0.36
CA ASN A 355 -5.22 -8.57 -1.21
C ASN A 355 -6.16 -7.48 -1.72
N THR A 356 -6.17 -6.34 -1.05
CA THR A 356 -7.00 -5.24 -1.49
C THR A 356 -6.46 -4.69 -2.82
N PRO A 357 -7.33 -4.10 -3.65
CA PRO A 357 -6.85 -3.51 -4.91
C PRO A 357 -5.80 -2.42 -4.70
N GLU A 358 -5.87 -1.71 -3.57
CA GLU A 358 -4.85 -0.71 -3.28
C GLU A 358 -3.52 -1.35 -2.91
N TYR A 359 -3.57 -2.48 -2.21
CA TYR A 359 -2.35 -3.23 -1.91
C TYR A 359 -1.67 -3.71 -3.18
N MET A 360 -2.45 -4.28 -4.12
CA MET A 360 -1.88 -4.76 -5.37
C MET A 360 -1.27 -3.63 -6.18
N GLU A 361 -1.94 -2.47 -6.19
CA GLU A 361 -1.40 -1.34 -6.96
C GLU A 361 -0.16 -0.75 -6.29
N LYS A 362 -0.07 -0.83 -4.96
CA LYS A 362 1.09 -0.26 -4.28
C LYS A 362 2.32 -1.13 -4.49
N ILE A 363 2.18 -2.45 -4.36
CA ILE A 363 3.30 -3.35 -4.59
C ILE A 363 3.78 -3.24 -6.03
N LYS A 364 2.84 -3.17 -6.98
CA LYS A 364 3.20 -3.06 -8.39
C LYS A 364 3.97 -1.78 -8.66
N GLN A 365 3.58 -0.68 -8.01
CA GLN A 365 4.25 0.60 -8.23
C GLN A 365 5.69 0.57 -7.70
N ARG A 366 5.89 -0.05 -6.54
CA ARG A 366 7.25 -0.14 -6.00
C ARG A 366 8.13 -1.04 -6.85
N LEU A 367 7.56 -2.09 -7.45
CA LEU A 367 8.33 -2.91 -8.36
C LEU A 367 8.69 -2.15 -9.64
N PHE A 368 7.81 -1.25 -10.09
CA PHE A 368 8.13 -0.45 -11.26
C PHE A 368 9.31 0.49 -10.99
N GLU A 369 9.45 0.96 -9.75
CA GLU A 369 10.60 1.80 -9.41
C GLU A 369 11.90 1.02 -9.56
N ASN A 370 11.91 -0.23 -9.08
CA ASN A 370 13.12 -1.05 -9.21
C ASN A 370 13.40 -1.38 -10.67
N LEU A 371 12.34 -1.62 -11.46
CA LEU A 371 12.54 -1.93 -12.86
C LEU A 371 13.08 -0.74 -13.65
N ARG A 372 12.87 0.50 -13.17
CA ARG A 372 13.45 1.65 -13.85
CA ARG A 372 13.45 1.66 -13.83
C ARG A 372 14.96 1.71 -13.69
N MET A 373 15.53 0.99 -12.72
CA MET A 373 16.96 1.02 -12.47
C MET A 373 17.75 0.15 -13.44
N LEU A 374 17.09 -0.50 -14.39
CA LEU A 374 17.81 -1.29 -15.38
C LEU A 374 18.28 -0.38 -16.52
N PRO A 375 19.39 -0.74 -17.18
CA PRO A 375 19.92 0.01 -18.33
C PRO A 375 18.91 0.11 -19.47
N LYS B 10 19.76 10.38 24.54
CA LYS B 10 19.06 9.71 25.64
C LYS B 10 18.77 8.25 25.30
N LYS B 11 18.86 7.40 26.31
CA LYS B 11 18.65 5.96 26.15
C LYS B 11 17.17 5.62 26.30
N VAL B 12 16.68 4.74 25.43
CA VAL B 12 15.28 4.32 25.43
C VAL B 12 15.25 2.80 25.49
N CYS B 13 14.54 2.27 26.48
CA CYS B 13 14.31 0.83 26.57
C CYS B 13 12.86 0.53 26.25
N TYR B 14 12.63 -0.57 25.52
CA TYR B 14 11.35 -0.90 24.92
C TYR B 14 10.98 -2.31 25.32
N TYR B 15 9.75 -2.50 25.79
CA TYR B 15 9.28 -3.79 26.28
C TYR B 15 8.20 -4.35 25.35
N TYR B 16 8.39 -5.60 24.93
CA TYR B 16 7.45 -6.26 24.04
C TYR B 16 7.63 -7.77 24.16
N ASP B 17 6.51 -8.49 24.29
CA ASP B 17 6.51 -9.95 24.26
C ASP B 17 5.87 -10.42 22.96
N GLY B 18 6.53 -11.37 22.29
CA GLY B 18 6.09 -11.80 20.98
C GLY B 18 4.72 -12.45 20.94
N ASP B 19 4.18 -12.83 22.09
CA ASP B 19 2.86 -13.45 22.15
C ASP B 19 1.77 -12.49 22.60
N ILE B 20 2.10 -11.20 22.78
CA ILE B 20 1.09 -10.27 23.26
C ILE B 20 -0.03 -10.11 22.23
N GLY B 21 0.27 -10.26 20.95
CA GLY B 21 -0.75 -10.13 19.92
C GLY B 21 -1.67 -11.32 19.77
N ASN B 22 -1.37 -12.44 20.44
CA ASN B 22 -2.16 -13.65 20.31
C ASN B 22 -3.34 -13.70 21.29
N TYR B 23 -3.35 -12.84 22.31
CA TYR B 23 -4.46 -12.80 23.25
C TYR B 23 -5.66 -12.12 22.60
N TYR B 24 -6.82 -12.76 22.69
CA TYR B 24 -8.01 -12.38 21.95
C TYR B 24 -9.15 -12.11 22.92
N TYR B 25 -9.67 -10.89 22.91
CA TYR B 25 -10.78 -10.52 23.78
C TYR B 25 -12.10 -11.15 23.36
N GLY B 26 -12.21 -11.61 22.11
CA GLY B 26 -13.45 -12.18 21.64
C GLY B 26 -13.96 -11.54 20.37
N GLN B 27 -14.88 -12.22 19.68
CA GLN B 27 -15.40 -11.71 18.42
C GLN B 27 -16.16 -10.41 18.65
N GLY B 28 -15.84 -9.40 17.84
CA GLY B 28 -16.50 -8.12 17.91
C GLY B 28 -16.04 -7.20 19.01
N HIS B 29 -15.12 -7.65 19.87
CA HIS B 29 -14.69 -6.78 20.97
C HIS B 29 -13.71 -5.74 20.46
N PRO B 30 -13.88 -4.47 20.87
CA PRO B 30 -13.01 -3.41 20.33
C PRO B 30 -11.54 -3.57 20.71
N MET B 31 -11.25 -4.03 21.93
CA MET B 31 -9.86 -4.15 22.36
C MET B 31 -9.20 -5.31 21.66
N LYS B 32 -8.12 -5.03 20.92
CA LYS B 32 -7.42 -6.03 20.13
C LYS B 32 -5.93 -5.95 20.41
N PRO B 33 -5.39 -6.83 21.27
CA PRO B 33 -3.95 -6.81 21.53
C PRO B 33 -3.10 -7.03 20.30
N HIS B 34 -3.71 -7.46 19.19
CA HIS B 34 -2.98 -7.57 17.91
C HIS B 34 -2.37 -6.23 17.51
N ARG B 35 -2.97 -5.11 17.93
CA ARG B 35 -2.44 -3.80 17.57
C ARG B 35 -1.03 -3.59 18.12
N ILE B 36 -0.70 -4.24 19.24
CA ILE B 36 0.65 -4.16 19.76
C ILE B 36 1.64 -4.81 18.79
N ARG B 37 1.26 -5.95 18.21
CA ARG B 37 2.14 -6.62 17.27
C ARG B 37 2.26 -5.83 15.96
N MET B 38 1.16 -5.22 15.51
CA MET B 38 1.24 -4.35 14.35
C MET B 38 2.18 -3.20 14.60
N THR B 39 2.08 -2.57 15.77
CA THR B 39 3.00 -1.49 16.13
C THR B 39 4.45 -1.99 16.13
N HIS B 40 4.70 -3.11 16.81
CA HIS B 40 6.05 -3.64 16.89
C HIS B 40 6.60 -3.94 15.50
N ASN B 41 5.83 -4.65 14.68
CA ASN B 41 6.31 -5.01 13.34
C ASN B 41 6.52 -3.79 12.47
N LEU B 42 5.70 -2.74 12.65
CA LEU B 42 5.94 -1.51 11.91
C LEU B 42 7.18 -0.79 12.43
N LEU B 43 7.44 -0.88 13.73
CA LEU B 43 8.67 -0.31 14.29
C LEU B 43 9.90 -0.98 13.72
N LEU B 44 9.87 -2.31 13.60
CA LEU B 44 11.03 -3.04 13.11
C LEU B 44 11.35 -2.68 11.66
N ASN B 45 10.33 -2.65 10.80
CA ASN B 45 10.55 -2.38 9.40
C ASN B 45 10.98 -0.94 9.14
N TYR B 46 10.71 -0.03 10.08
CA TYR B 46 11.29 1.30 10.01
C TYR B 46 12.75 1.34 10.44
N GLY B 47 13.26 0.25 11.04
CA GLY B 47 14.63 0.20 11.50
C GLY B 47 14.87 0.78 12.87
N LEU B 48 13.80 1.17 13.59
CA LEU B 48 13.97 1.81 14.89
C LEU B 48 14.50 0.85 15.96
N TYR B 49 14.58 -0.45 15.66
CA TYR B 49 15.19 -1.39 16.60
C TYR B 49 16.69 -1.16 16.74
N ARG B 50 17.33 -0.54 15.75
CA ARG B 50 18.76 -0.29 15.77
C ARG B 50 19.17 0.81 16.73
N LYS B 51 18.22 1.51 17.36
CA LYS B 51 18.55 2.63 18.22
C LYS B 51 17.92 2.54 19.61
N MET B 52 17.38 1.38 19.98
CA MET B 52 16.78 1.23 21.30
C MET B 52 16.98 -0.20 21.79
N GLU B 53 16.97 -0.35 23.12
CA GLU B 53 17.08 -1.67 23.75
C GLU B 53 15.69 -2.28 23.84
N ILE B 54 15.52 -3.45 23.25
CA ILE B 54 14.24 -4.16 23.25
C ILE B 54 14.32 -5.28 24.28
N TYR B 55 13.38 -5.29 25.22
CA TYR B 55 13.34 -6.30 26.27
C TYR B 55 12.02 -7.05 26.22
N ARG B 56 12.08 -8.32 26.59
CA ARG B 56 10.87 -9.09 26.84
C ARG B 56 10.42 -8.87 28.27
N PRO B 57 9.15 -8.51 28.50
CA PRO B 57 8.68 -8.34 29.87
C PRO B 57 8.56 -9.68 30.58
N HIS B 58 8.80 -9.65 31.89
CA HIS B 58 8.53 -10.81 32.71
C HIS B 58 7.03 -10.92 32.99
N LYS B 59 6.60 -12.11 33.37
CA LYS B 59 5.22 -12.31 33.80
C LYS B 59 5.11 -11.82 35.25
N ALA B 60 4.47 -10.66 35.43
CA ALA B 60 4.36 -10.06 36.75
C ALA B 60 3.67 -11.03 37.71
N THR B 61 4.26 -11.20 38.88
CA THR B 61 3.73 -12.16 39.84
C THR B 61 2.55 -11.57 40.59
N ALA B 62 1.80 -12.45 41.26
CA ALA B 62 0.71 -11.99 42.11
C ALA B 62 1.23 -11.10 43.23
N GLU B 63 2.44 -11.37 43.71
CA GLU B 63 3.04 -10.51 44.74
C GLU B 63 3.23 -9.09 44.21
N GLU B 64 3.60 -8.95 42.94
CA GLU B 64 3.75 -7.62 42.37
C GLU B 64 2.40 -6.93 42.22
N MET B 65 1.38 -7.67 41.77
CA MET B 65 0.07 -7.07 41.56
C MET B 65 -0.62 -6.73 42.87
N THR B 66 -0.40 -7.52 43.92
CA THR B 66 -1.06 -7.26 45.20
C THR B 66 -0.47 -6.07 45.94
N LYS B 67 0.55 -5.39 45.37
CA LYS B 67 0.98 -4.12 45.93
C LYS B 67 -0.11 -3.06 45.85
N TYR B 68 -1.11 -3.27 44.98
CA TYR B 68 -2.26 -2.37 44.91
C TYR B 68 -3.56 -3.16 44.93
N HIS B 69 -3.70 -4.13 44.04
CA HIS B 69 -4.94 -4.88 43.96
C HIS B 69 -5.10 -5.80 45.16
N SER B 70 -6.35 -6.08 45.50
CA SER B 70 -6.64 -6.94 46.64
C SER B 70 -6.27 -8.39 46.32
N ASP B 71 -6.13 -9.19 47.38
CA ASP B 71 -5.76 -10.59 47.21
C ASP B 71 -6.87 -11.38 46.54
N GLU B 72 -8.13 -11.16 46.96
CA GLU B 72 -9.22 -11.95 46.40
C GLU B 72 -9.45 -11.65 44.92
N TYR B 73 -9.14 -10.42 44.48
CA TYR B 73 -9.33 -10.08 43.07
C TYR B 73 -8.25 -10.67 42.20
N ILE B 74 -6.99 -10.61 42.64
CA ILE B 74 -5.90 -11.21 41.88
C ILE B 74 -6.03 -12.72 41.84
N LYS B 75 -6.41 -13.33 42.97
CA LYS B 75 -6.65 -14.77 42.99
C LYS B 75 -7.77 -15.15 42.04
N PHE B 76 -8.80 -14.30 41.93
CA PHE B 76 -9.87 -14.55 40.98
C PHE B 76 -9.35 -14.48 39.54
N LEU B 77 -8.53 -13.48 39.24
CA LEU B 77 -8.01 -13.35 37.88
C LEU B 77 -7.12 -14.52 37.50
N ARG B 78 -6.38 -15.08 38.46
CA ARG B 78 -5.52 -16.23 38.17
C ARG B 78 -6.30 -17.52 38.03
N SER B 79 -7.57 -17.54 38.42
CA SER B 79 -8.38 -18.76 38.42
C SER B 79 -9.47 -18.77 37.36
N ILE B 80 -10.00 -17.61 36.98
CA ILE B 80 -11.13 -17.57 36.05
C ILE B 80 -10.67 -18.03 34.67
N ARG B 81 -11.46 -18.88 34.05
CA ARG B 81 -11.21 -19.41 32.72
C ARG B 81 -12.54 -19.54 32.01
N PRO B 82 -12.53 -19.61 30.68
CA PRO B 82 -13.80 -19.81 29.96
C PRO B 82 -14.51 -21.11 30.32
N ASP B 83 -13.76 -22.14 30.71
CA ASP B 83 -14.33 -23.45 30.99
C ASP B 83 -14.73 -23.62 32.45
N ASN B 84 -14.74 -22.55 33.25
CA ASN B 84 -15.25 -22.64 34.62
C ASN B 84 -16.01 -21.38 35.04
N MET B 85 -16.58 -20.67 34.08
CA MET B 85 -17.32 -19.44 34.41
C MET B 85 -18.58 -19.75 35.22
N SER B 86 -19.14 -20.94 35.05
CA SER B 86 -20.33 -21.31 35.81
C SER B 86 -20.03 -21.42 37.30
N GLU B 87 -18.83 -21.88 37.66
CA GLU B 87 -18.49 -22.00 39.07
C GLU B 87 -18.20 -20.65 39.72
N TYR B 88 -17.88 -19.63 38.92
CA TYR B 88 -17.55 -18.30 39.42
C TYR B 88 -18.57 -17.27 38.94
N SER B 89 -19.85 -17.66 38.87
CA SER B 89 -20.87 -16.75 38.35
C SER B 89 -21.02 -15.51 39.23
N LYS B 90 -20.93 -15.68 40.55
CA LYS B 90 -21.08 -14.56 41.46
C LYS B 90 -19.79 -13.78 41.65
N GLN B 91 -18.64 -14.46 41.60
CA GLN B 91 -17.37 -13.73 41.69
C GLN B 91 -17.13 -12.90 40.43
N MET B 92 -17.55 -13.41 39.28
CA MET B 92 -17.52 -12.60 38.06
C MET B 92 -18.33 -11.32 38.23
N GLN B 93 -19.42 -11.38 39.00
CA GLN B 93 -20.26 -10.22 39.20
C GLN B 93 -19.59 -9.22 40.14
N ARG B 94 -18.91 -9.71 41.19
CA ARG B 94 -18.30 -8.82 42.16
C ARG B 94 -17.10 -8.08 41.58
N PHE B 95 -16.35 -8.74 40.69
CA PHE B 95 -15.15 -8.16 40.12
C PHE B 95 -15.38 -7.59 38.73
N ASN B 96 -16.62 -7.57 38.25
CA ASN B 96 -17.00 -6.94 36.98
C ASN B 96 -16.21 -7.53 35.81
N VAL B 97 -16.18 -8.86 35.74
CA VAL B 97 -15.46 -9.57 34.68
C VAL B 97 -16.47 -10.48 33.97
N GLY B 98 -16.77 -10.17 32.72
CA GLY B 98 -17.71 -10.97 31.95
C GLY B 98 -18.35 -10.26 30.78
N GLU B 99 -18.63 -8.97 30.93
CA GLU B 99 -19.27 -8.19 29.87
C GLU B 99 -18.26 -7.35 29.11
N ASP B 100 -18.11 -6.07 29.49
CA ASP B 100 -17.12 -5.22 28.85
C ASP B 100 -15.72 -5.79 28.98
N CYS B 101 -15.41 -6.39 30.14
CA CYS B 101 -14.12 -7.04 30.38
C CYS B 101 -14.35 -8.55 30.37
N PRO B 102 -14.33 -9.19 29.20
CA PRO B 102 -14.74 -10.59 29.12
C PRO B 102 -13.68 -11.54 29.66
N VAL B 103 -14.09 -12.79 29.85
CA VAL B 103 -13.18 -13.88 30.17
C VAL B 103 -12.69 -14.49 28.87
N PHE B 104 -11.37 -14.62 28.73
CA PHE B 104 -10.79 -15.23 27.54
C PHE B 104 -9.56 -16.03 27.93
N ASP B 105 -9.17 -16.93 27.03
CA ASP B 105 -8.02 -17.80 27.27
C ASP B 105 -6.76 -16.97 27.44
N GLY B 106 -5.99 -17.28 28.48
CA GLY B 106 -4.78 -16.53 28.77
C GLY B 106 -5.04 -15.15 29.33
N LEU B 107 -6.17 -14.94 30.00
CA LEU B 107 -6.49 -13.63 30.54
C LEU B 107 -5.44 -13.18 31.56
N PHE B 108 -5.15 -14.02 32.54
CA PHE B 108 -4.18 -13.64 33.57
C PHE B 108 -2.79 -13.50 32.98
N GLU B 109 -2.40 -14.40 32.09
CA GLU B 109 -1.09 -14.31 31.46
C GLU B 109 -0.96 -13.03 30.65
N PHE B 110 -2.04 -12.58 30.02
CA PHE B 110 -2.03 -11.30 29.31
C PHE B 110 -1.83 -10.15 30.29
N CYS B 111 -2.45 -10.21 31.46
CA CYS B 111 -2.26 -9.16 32.46
C CYS B 111 -0.84 -9.17 33.01
N GLN B 112 -0.21 -10.35 33.07
CA GLN B 112 1.16 -10.42 33.56
C GLN B 112 2.14 -9.76 32.59
N LEU B 113 1.95 -9.98 31.29
CA LEU B 113 2.85 -9.36 30.33
C LEU B 113 2.63 -7.86 30.24
N SER B 114 1.38 -7.42 30.28
CA SER B 114 1.08 -5.99 30.27
C SER B 114 1.67 -5.30 31.49
N THR B 115 1.45 -5.88 32.67
CA THR B 115 1.97 -5.28 33.90
C THR B 115 3.48 -5.43 34.00
N GLY B 116 4.01 -6.58 33.58
CA GLY B 116 5.44 -6.81 33.66
C GLY B 116 6.24 -5.76 32.90
N GLY B 117 5.76 -5.38 31.71
CA GLY B 117 6.45 -4.35 30.95
C GLY B 117 6.50 -3.02 31.67
N SER B 118 5.40 -2.66 32.34
CA SER B 118 5.34 -1.36 33.01
C SER B 118 6.19 -1.34 34.27
N VAL B 119 6.07 -2.37 35.12
CA VAL B 119 6.83 -2.38 36.36
C VAL B 119 8.32 -2.53 36.07
N ALA B 120 8.68 -3.31 35.05
CA ALA B 120 10.09 -3.44 34.70
C ALA B 120 10.64 -2.13 34.14
N GLY B 121 9.82 -1.39 33.40
CA GLY B 121 10.24 -0.08 32.92
C GLY B 121 10.47 0.90 34.07
N ALA B 122 9.59 0.87 35.07
CA ALA B 122 9.77 1.70 36.24
C ALA B 122 11.04 1.33 37.00
N VAL B 123 11.37 0.04 37.04
CA VAL B 123 12.61 -0.39 37.69
C VAL B 123 13.82 0.14 36.92
N LYS B 124 13.80 0.03 35.59
CA LYS B 124 14.89 0.54 34.78
C LYS B 124 15.09 2.04 34.99
N LEU B 125 13.98 2.78 35.17
CA LEU B 125 14.09 4.22 35.43
C LEU B 125 14.64 4.49 36.83
N ASN B 126 14.26 3.67 37.81
CA ASN B 126 14.76 3.84 39.17
C ASN B 126 16.25 3.54 39.26
N ARG B 127 16.69 2.45 38.61
CA ARG B 127 18.11 2.15 38.54
C ARG B 127 18.89 3.14 37.70
N GLN B 128 18.21 4.09 37.06
CA GLN B 128 18.84 5.10 36.21
C GLN B 128 19.65 4.46 35.08
N GLN B 129 19.24 3.27 34.64
CA GLN B 129 19.86 2.61 33.50
C GLN B 129 19.22 3.02 32.18
N THR B 130 18.25 3.93 32.21
CA THR B 130 17.59 4.41 31.00
C THR B 130 16.91 5.73 31.31
N ASP B 131 16.69 6.51 30.25
CA ASP B 131 15.98 7.78 30.38
C ASP B 131 14.50 7.65 30.04
N MET B 132 14.13 6.71 29.18
CA MET B 132 12.75 6.51 28.77
C MET B 132 12.48 5.02 28.68
N ALA B 133 11.34 4.59 29.23
CA ALA B 133 10.87 3.22 29.13
C ALA B 133 9.54 3.22 28.41
N VAL B 134 9.38 2.29 27.46
CA VAL B 134 8.21 2.21 26.61
C VAL B 134 7.57 0.83 26.77
N ASN B 135 6.26 0.81 27.03
CA ASN B 135 5.48 -0.43 27.11
C ASN B 135 4.12 -0.16 26.49
N TRP B 136 3.98 -0.45 25.20
CA TRP B 136 2.71 -0.21 24.53
C TRP B 136 1.63 -1.20 24.95
N ALA B 137 2.01 -2.32 25.57
CA ALA B 137 1.02 -3.27 26.09
C ALA B 137 0.42 -2.81 27.41
N GLY B 138 0.98 -1.78 28.03
CA GLY B 138 0.47 -1.25 29.28
C GLY B 138 -0.39 -0.03 29.11
N GLY B 139 -0.59 0.70 30.19
CA GLY B 139 -1.42 1.88 30.17
C GLY B 139 -2.90 1.64 30.42
N LEU B 140 -3.25 0.52 31.06
CA LEU B 140 -4.65 0.15 31.28
C LEU B 140 -5.16 0.91 32.50
N HIS B 141 -5.57 2.16 32.25
CA HIS B 141 -5.81 3.14 33.31
C HIS B 141 -7.17 2.99 34.00
N HIS B 142 -8.01 2.03 33.61
CA HIS B 142 -9.34 1.92 34.19
C HIS B 142 -9.45 0.85 35.26
N ALA B 143 -8.48 -0.05 35.38
CA ALA B 143 -8.57 -1.14 36.34
C ALA B 143 -8.61 -0.60 37.76
N LYS B 144 -9.54 -1.11 38.57
CA LYS B 144 -9.73 -0.66 39.93
C LYS B 144 -8.99 -1.57 40.90
N LYS B 145 -9.02 -1.21 42.18
CA LYS B 145 -8.31 -1.99 43.20
C LYS B 145 -8.86 -3.40 43.27
N SER B 146 -10.19 -3.57 43.20
CA SER B 146 -10.81 -4.88 43.29
C SER B 146 -11.83 -5.11 42.18
N GLU B 147 -11.73 -4.36 41.08
CA GLU B 147 -12.68 -4.47 39.98
C GLU B 147 -11.97 -4.27 38.65
N ALA B 148 -12.48 -4.95 37.63
CA ALA B 148 -12.09 -4.68 36.26
C ALA B 148 -13.06 -3.66 35.66
N SER B 149 -12.53 -2.82 34.77
CA SER B 149 -13.35 -1.78 34.17
C SER B 149 -12.70 -1.35 32.86
N GLY B 150 -13.56 -1.01 31.90
CA GLY B 150 -13.12 -0.41 30.65
C GLY B 150 -12.04 -1.18 29.92
N PHE B 151 -12.23 -2.50 29.81
CA PHE B 151 -11.32 -3.43 29.15
C PHE B 151 -10.01 -3.60 29.91
N CYS B 152 -9.92 -3.09 31.14
CA CYS B 152 -8.70 -3.15 31.93
C CYS B 152 -8.92 -4.03 33.16
N TYR B 153 -7.99 -4.94 33.42
CA TYR B 153 -8.07 -5.87 34.53
C TYR B 153 -7.07 -5.55 35.64
N VAL B 154 -5.79 -5.37 35.29
CA VAL B 154 -4.75 -5.04 36.25
C VAL B 154 -4.20 -3.67 35.88
N ASN B 155 -4.19 -2.75 36.84
CA ASN B 155 -3.74 -1.38 36.55
C ASN B 155 -2.23 -1.36 36.62
N ASP B 156 -1.59 -1.59 35.47
CA ASP B 156 -0.14 -1.55 35.39
C ASP B 156 0.41 -0.17 35.71
N ILE B 157 -0.39 0.88 35.50
CA ILE B 157 0.09 2.24 35.74
C ILE B 157 0.28 2.48 37.23
N VAL B 158 -0.70 2.09 38.04
CA VAL B 158 -0.59 2.29 39.48
C VAL B 158 0.59 1.49 40.04
N LEU B 159 0.76 0.25 39.56
CA LEU B 159 1.86 -0.57 40.05
C LEU B 159 3.21 -0.01 39.62
N ALA B 160 3.29 0.54 38.41
CA ALA B 160 4.55 1.16 37.97
C ALA B 160 4.82 2.45 38.72
N ILE B 161 3.77 3.21 39.05
CA ILE B 161 3.96 4.44 39.81
C ILE B 161 4.40 4.13 41.24
N LEU B 162 3.80 3.11 41.86
CA LEU B 162 4.24 2.67 43.18
C LEU B 162 5.71 2.26 43.17
N GLU B 163 6.18 1.69 42.05
CA GLU B 163 7.60 1.37 41.94
C GLU B 163 8.44 2.63 41.89
N LEU B 164 8.03 3.62 41.09
CA LEU B 164 8.78 4.87 41.02
C LEU B 164 8.75 5.62 42.35
N LEU B 165 7.66 5.48 43.11
CA LEU B 165 7.56 6.17 44.40
C LEU B 165 8.56 5.66 45.42
N LYS B 166 9.26 4.56 45.13
CA LYS B 166 10.33 4.13 46.01
C LYS B 166 11.51 5.09 45.96
N TYR B 167 11.82 5.64 44.78
CA TYR B 167 12.97 6.50 44.61
C TYR B 167 12.60 7.95 44.30
N HIS B 168 11.32 8.25 44.07
CA HIS B 168 10.89 9.58 43.65
C HIS B 168 9.85 10.10 44.63
N GLN B 169 10.07 11.31 45.14
CA GLN B 169 9.13 11.89 46.10
C GLN B 169 7.83 12.29 45.41
N ARG B 170 7.92 12.84 44.20
CA ARG B 170 6.76 13.29 43.44
C ARG B 170 6.83 12.74 42.03
N VAL B 171 5.77 12.04 41.62
CA VAL B 171 5.66 11.45 40.29
C VAL B 171 4.45 12.06 39.59
N LEU B 172 4.66 12.58 38.38
CA LEU B 172 3.60 13.19 37.60
C LEU B 172 3.03 12.17 36.61
N TYR B 173 1.71 12.04 36.59
CA TYR B 173 1.01 11.17 35.65
C TYR B 173 0.20 12.01 34.67
N ILE B 174 0.35 11.72 33.38
CA ILE B 174 -0.34 12.44 32.32
C ILE B 174 -1.08 11.42 31.45
N ASP B 175 -2.34 11.73 31.14
CA ASP B 175 -3.24 10.79 30.46
C ASP B 175 -3.90 11.51 29.29
N ILE B 176 -3.47 11.18 28.07
CA ILE B 176 -4.06 11.77 26.86
C ILE B 176 -5.01 10.80 26.16
N ASP B 177 -5.32 9.67 26.78
CA ASP B 177 -6.43 8.84 26.34
C ASP B 177 -7.71 9.66 26.32
N ILE B 178 -8.60 9.36 25.36
CA ILE B 178 -9.84 10.12 25.27
C ILE B 178 -10.74 9.88 26.48
N HIS B 179 -10.51 8.79 27.22
CA HIS B 179 -11.26 8.50 28.41
C HIS B 179 -10.51 8.99 29.65
N HIS B 180 -11.27 9.27 30.71
CA HIS B 180 -10.69 9.73 31.95
C HIS B 180 -9.93 8.59 32.63
N GLY B 181 -8.69 8.85 33.03
CA GLY B 181 -7.91 7.88 33.77
C GLY B 181 -8.37 7.77 35.21
N ASP B 182 -9.56 7.20 35.42
CA ASP B 182 -10.15 7.18 36.75
C ASP B 182 -9.45 6.21 37.68
N GLY B 183 -8.94 5.09 37.16
CA GLY B 183 -8.28 4.13 38.00
C GLY B 183 -7.00 4.66 38.62
N VAL B 184 -6.20 5.39 37.84
CA VAL B 184 -4.97 5.96 38.37
C VAL B 184 -5.28 7.12 39.29
N GLU B 185 -6.29 7.93 38.96
CA GLU B 185 -6.63 9.07 39.79
C GLU B 185 -7.17 8.63 41.14
N GLU B 186 -8.00 7.58 41.15
CA GLU B 186 -8.58 7.11 42.40
C GLU B 186 -7.50 6.55 43.33
N ALA B 187 -6.50 5.87 42.78
CA ALA B 187 -5.47 5.28 43.60
C ALA B 187 -4.63 6.33 44.32
N PHE B 188 -4.54 7.54 43.75
CA PHE B 188 -3.69 8.58 44.32
C PHE B 188 -4.49 9.86 44.60
N TYR B 189 -5.80 9.72 44.79
CA TYR B 189 -6.65 10.89 44.95
C TYR B 189 -6.39 11.63 46.26
N THR B 190 -5.88 10.93 47.28
CA THR B 190 -5.68 11.50 48.60
C THR B 190 -4.20 11.58 48.98
N THR B 191 -3.33 11.80 47.99
CA THR B 191 -1.90 11.96 48.25
C THR B 191 -1.33 13.03 47.33
N ASP B 192 -0.39 13.79 47.85
CA ASP B 192 0.32 14.79 47.07
C ASP B 192 1.60 14.24 46.44
N ARG B 193 1.92 12.97 46.67
CA ARG B 193 3.12 12.36 46.11
C ARG B 193 2.96 11.96 44.65
N VAL B 194 1.73 11.97 44.12
CA VAL B 194 1.49 11.70 42.71
C VAL B 194 0.41 12.68 42.24
N MET B 195 0.72 13.46 41.22
CA MET B 195 -0.24 14.35 40.59
C MET B 195 -0.72 13.72 39.29
N THR B 196 -2.03 13.56 39.16
CA THR B 196 -2.63 12.97 37.97
C THR B 196 -3.27 14.08 37.12
N VAL B 197 -2.92 14.12 35.85
CA VAL B 197 -3.44 15.10 34.90
C VAL B 197 -4.04 14.33 33.73
N SER B 198 -5.36 14.43 33.57
CA SER B 198 -6.08 13.71 32.53
C SER B 198 -6.82 14.68 31.62
N PHE B 199 -6.57 14.56 30.32
CA PHE B 199 -7.35 15.23 29.29
C PHE B 199 -8.30 14.21 28.67
N HIS B 200 -9.57 14.56 28.57
CA HIS B 200 -10.56 13.58 28.16
C HIS B 200 -11.87 14.26 27.81
N LYS B 201 -12.68 13.57 27.02
CA LYS B 201 -14.05 13.99 26.79
C LYS B 201 -14.90 13.74 28.04
N TYR B 202 -15.71 14.72 28.41
CA TYR B 202 -16.56 14.62 29.58
C TYR B 202 -18.00 14.97 29.22
N GLY B 203 -18.94 14.24 29.81
CA GLY B 203 -20.34 14.45 29.53
C GLY B 203 -20.96 13.32 28.75
N GLU B 204 -21.71 12.46 29.44
CA GLU B 204 -22.39 11.31 28.82
C GLU B 204 -21.37 10.43 28.08
N TYR B 205 -20.27 10.14 28.76
CA TYR B 205 -19.17 9.40 28.14
C TYR B 205 -18.47 8.58 29.21
N PHE B 206 -17.99 7.41 28.81
CA PHE B 206 -17.28 6.54 29.74
C PHE B 206 -16.01 7.23 30.24
N PRO B 207 -15.65 7.07 31.52
CA PRO B 207 -16.39 6.33 32.54
C PRO B 207 -17.39 7.17 33.33
N GLY B 208 -17.53 8.44 32.96
CA GLY B 208 -18.44 9.35 33.63
C GLY B 208 -17.81 10.20 34.71
N THR B 209 -16.53 9.98 35.02
CA THR B 209 -15.83 10.77 36.01
C THR B 209 -14.89 11.76 35.30
N GLY B 210 -14.04 12.41 36.07
CA GLY B 210 -13.13 13.40 35.53
C GLY B 210 -13.71 14.79 35.39
N ASP B 211 -14.58 15.20 36.31
CA ASP B 211 -15.12 16.54 36.27
C ASP B 211 -14.01 17.56 36.56
N LEU B 212 -14.21 18.79 36.07
CA LEU B 212 -13.25 19.85 36.30
C LEU B 212 -13.07 20.14 37.79
N ARG B 213 -14.11 19.93 38.58
CA ARG B 213 -14.06 20.23 40.01
C ARG B 213 -13.47 19.11 40.83
N ASP B 214 -13.29 17.91 40.26
CA ASP B 214 -12.60 16.82 40.94
C ASP B 214 -11.11 17.13 40.97
N ILE B 215 -10.64 17.65 42.11
CA ILE B 215 -9.28 18.15 42.23
C ILE B 215 -8.46 17.39 43.27
N GLY B 216 -9.03 16.41 43.94
CA GLY B 216 -8.35 15.68 44.99
C GLY B 216 -8.94 15.98 46.36
N ALA B 217 -8.53 15.16 47.32
CA ALA B 217 -9.02 15.28 48.68
C ALA B 217 -7.87 15.03 49.65
N GLY B 218 -8.07 15.47 50.89
CA GLY B 218 -7.08 15.26 51.92
C GLY B 218 -5.77 15.95 51.57
N LYS B 219 -4.67 15.21 51.74
CA LYS B 219 -3.36 15.77 51.39
C LYS B 219 -3.18 15.92 49.88
N GLY B 220 -4.04 15.29 49.09
CA GLY B 220 -3.93 15.37 47.64
C GLY B 220 -4.86 16.37 47.00
N LYS B 221 -5.40 17.30 47.79
CA LYS B 221 -6.24 18.35 47.22
C LYS B 221 -5.39 19.28 46.37
N TYR B 222 -5.87 19.59 45.17
CA TYR B 222 -5.18 20.34 44.12
C TYR B 222 -4.08 19.53 43.44
N TYR B 223 -4.01 18.22 43.71
CA TYR B 223 -3.05 17.35 43.06
C TYR B 223 -3.70 16.38 42.09
N ALA B 224 -4.93 16.66 41.68
CA ALA B 224 -5.64 15.92 40.64
C ALA B 224 -6.18 16.94 39.66
N VAL B 225 -5.70 16.89 38.42
CA VAL B 225 -6.05 17.85 37.39
C VAL B 225 -6.83 17.12 36.31
N ASN B 226 -7.95 17.70 35.90
CA ASN B 226 -8.80 17.14 34.86
C ASN B 226 -9.21 18.24 33.90
N PHE B 227 -8.96 18.02 32.61
CA PHE B 227 -9.37 18.97 31.57
C PHE B 227 -10.49 18.35 30.75
N PRO B 228 -11.75 18.63 31.07
CA PRO B 228 -12.85 18.09 30.27
C PRO B 228 -12.91 18.75 28.90
N MET B 229 -13.17 17.94 27.88
CA MET B 229 -13.22 18.41 26.50
C MET B 229 -14.50 17.95 25.83
N ARG B 230 -14.77 18.53 24.67
CA ARG B 230 -15.93 18.21 23.85
C ARG B 230 -15.47 17.51 22.56
N ASP B 231 -16.44 17.17 21.72
CA ASP B 231 -16.13 16.44 20.49
C ASP B 231 -15.36 17.33 19.51
N GLY B 232 -14.54 16.69 18.69
CA GLY B 232 -13.96 17.32 17.52
C GLY B 232 -12.72 18.16 17.76
N ILE B 233 -12.08 18.06 18.94
CA ILE B 233 -10.89 18.86 19.20
C ILE B 233 -9.78 18.44 18.24
N ASP B 234 -9.04 19.42 17.74
CA ASP B 234 -8.01 19.21 16.73
C ASP B 234 -6.63 19.46 17.31
N ASP B 235 -5.60 19.29 16.46
CA ASP B 235 -4.22 19.43 16.93
C ASP B 235 -3.95 20.82 17.47
N GLU B 236 -4.42 21.86 16.77
CA GLU B 236 -4.17 23.23 17.20
C GLU B 236 -4.83 23.51 18.54
N SER B 237 -6.11 23.15 18.68
CA SER B 237 -6.81 23.35 19.95
C SER B 237 -6.18 22.53 21.06
N TYR B 238 -5.79 21.29 20.77
CA TYR B 238 -5.20 20.43 21.80
C TYR B 238 -3.83 20.94 22.23
N GLY B 239 -3.00 21.36 21.26
CA GLY B 239 -1.66 21.79 21.58
C GLY B 239 -1.62 23.11 22.34
N GLN B 240 -2.53 24.03 22.03
CA GLN B 240 -2.53 25.34 22.67
C GLN B 240 -2.93 25.28 24.13
N ILE B 241 -3.45 24.15 24.62
CA ILE B 241 -3.76 24.02 26.03
C ILE B 241 -2.88 22.97 26.72
N PHE B 242 -2.39 21.96 25.99
CA PHE B 242 -1.57 20.93 26.61
C PHE B 242 -0.24 21.51 27.09
N LYS B 243 0.47 22.22 26.21
CA LYS B 243 1.76 22.77 26.61
C LYS B 243 1.67 23.77 27.75
N PRO B 244 0.72 24.73 27.76
CA PRO B 244 0.63 25.60 28.95
C PRO B 244 0.28 24.86 30.22
N ILE B 245 -0.65 23.91 30.17
CA ILE B 245 -1.04 23.18 31.37
C ILE B 245 0.13 22.37 31.89
N ILE B 246 0.77 21.58 31.02
CA ILE B 246 1.88 20.74 31.46
C ILE B 246 3.04 21.59 31.98
N SER B 247 3.31 22.72 31.32
CA SER B 247 4.39 23.59 31.76
C SER B 247 4.09 24.17 33.13
N LYS B 248 2.83 24.57 33.36
CA LYS B 248 2.45 25.08 34.68
C LYS B 248 2.51 23.98 35.74
N VAL B 249 2.19 22.75 35.35
CA VAL B 249 2.31 21.64 36.28
C VAL B 249 3.77 21.41 36.64
N MET B 250 4.66 21.42 35.64
CA MET B 250 6.08 21.22 35.90
C MET B 250 6.62 22.31 36.82
N GLU B 251 6.19 23.56 36.62
CA GLU B 251 6.70 24.65 37.43
C GLU B 251 6.27 24.50 38.89
N MET B 252 4.98 24.27 39.13
CA MET B 252 4.47 24.22 40.50
C MET B 252 4.80 22.90 41.18
N TYR B 253 4.53 21.78 40.50
CA TYR B 253 4.67 20.48 41.13
C TYR B 253 6.12 20.02 41.19
N GLN B 254 6.90 20.33 40.16
CA GLN B 254 8.32 19.95 40.08
C GLN B 254 8.50 18.46 40.35
N PRO B 255 8.03 17.59 39.45
CA PRO B 255 8.20 16.16 39.68
C PRO B 255 9.59 15.69 39.30
N SER B 256 9.95 14.51 39.82
CA SER B 256 11.20 13.88 39.46
C SER B 256 11.03 12.70 38.51
N ALA B 257 9.80 12.23 38.30
CA ALA B 257 9.53 11.17 37.35
C ALA B 257 8.17 11.40 36.72
N VAL B 258 8.02 10.99 35.46
CA VAL B 258 6.80 11.24 34.69
C VAL B 258 6.32 9.92 34.09
N VAL B 259 5.01 9.70 34.16
CA VAL B 259 4.34 8.59 33.49
C VAL B 259 3.33 9.18 32.51
N LEU B 260 3.45 8.81 31.24
CA LEU B 260 2.61 9.35 30.18
C LEU B 260 1.83 8.21 29.52
N GLN B 261 0.53 8.16 29.77
CA GLN B 261 -0.35 7.21 29.11
C GLN B 261 -0.73 7.77 27.74
N CYS B 262 -0.44 7.01 26.68
CA CYS B 262 -0.64 7.51 25.33
C CYS B 262 -1.79 6.82 24.62
N GLY B 263 -2.96 6.78 25.26
CA GLY B 263 -4.14 6.19 24.64
C GLY B 263 -4.43 6.78 23.27
N ALA B 264 -4.53 5.92 22.25
CA ALA B 264 -4.69 6.37 20.87
C ALA B 264 -6.14 6.60 20.47
N ASP B 265 -7.09 6.35 21.37
CA ASP B 265 -8.49 6.57 21.03
C ASP B 265 -8.87 8.04 20.97
N SER B 266 -7.92 8.94 21.22
CA SER B 266 -8.12 10.37 21.00
C SER B 266 -7.74 10.80 19.58
N LEU B 267 -7.45 9.84 18.70
CA LEU B 267 -7.15 10.14 17.31
C LEU B 267 -8.43 10.25 16.51
N SER B 268 -8.37 11.04 15.44
CA SER B 268 -9.47 11.14 14.50
C SER B 268 -9.79 9.78 13.90
N GLY B 269 -11.07 9.46 13.81
CA GLY B 269 -11.51 8.23 13.19
C GLY B 269 -11.44 7.01 14.07
N ASP B 270 -11.32 7.18 15.38
CA ASP B 270 -11.29 6.03 16.28
C ASP B 270 -12.66 5.39 16.39
N ARG B 271 -12.66 4.06 16.54
CA ARG B 271 -13.91 3.30 16.58
C ARG B 271 -14.79 3.72 17.75
N LEU B 272 -14.18 4.07 18.90
CA LEU B 272 -14.94 4.49 20.06
C LEU B 272 -14.79 5.97 20.41
N GLY B 273 -13.75 6.62 19.92
CA GLY B 273 -13.51 8.01 20.27
C GLY B 273 -14.15 8.97 19.30
N CYS B 274 -14.22 10.24 19.72
CA CYS B 274 -14.80 11.29 18.89
C CYS B 274 -13.97 12.57 18.93
N PHE B 275 -12.65 12.44 19.03
CA PHE B 275 -11.75 13.57 18.85
C PHE B 275 -11.29 13.63 17.39
N ASN B 276 -10.52 14.65 17.04
CA ASN B 276 -10.09 14.88 15.68
C ASN B 276 -8.59 15.18 15.63
N LEU B 277 -7.81 14.45 16.42
CA LEU B 277 -6.36 14.62 16.44
C LEU B 277 -5.71 13.74 15.38
N THR B 278 -4.61 14.24 14.83
CA THR B 278 -3.76 13.44 13.96
C THR B 278 -2.65 12.79 14.80
N VAL B 279 -1.83 11.96 14.15
CA VAL B 279 -0.70 11.36 14.85
C VAL B 279 0.29 12.43 15.29
N LYS B 280 0.47 13.47 14.47
CA LYS B 280 1.38 14.55 14.82
C LYS B 280 0.88 15.33 16.02
N GLY B 281 -0.41 15.66 16.05
CA GLY B 281 -0.97 16.34 17.19
C GLY B 281 -0.96 15.48 18.44
N HIS B 282 -1.20 14.19 18.28
CA HIS B 282 -1.09 13.26 19.41
C HIS B 282 0.34 13.16 19.90
N ALA B 283 1.30 13.00 18.98
CA ALA B 283 2.70 12.87 19.37
C ALA B 283 3.28 14.18 19.91
N LYS B 284 2.67 15.32 19.59
CA LYS B 284 3.12 16.60 20.14
C LYS B 284 3.19 16.55 21.67
N CYS B 285 2.29 15.78 22.30
CA CYS B 285 2.32 15.64 23.75
C CYS B 285 3.60 14.96 24.22
N VAL B 286 4.07 13.96 23.47
CA VAL B 286 5.32 13.30 23.82
C VAL B 286 6.49 14.27 23.67
N GLU B 287 6.48 15.07 22.60
CA GLU B 287 7.54 16.05 22.41
C GLU B 287 7.58 17.07 23.55
N VAL B 288 6.41 17.49 24.02
CA VAL B 288 6.35 18.48 25.10
C VAL B 288 6.94 17.89 26.38
N VAL B 289 6.53 16.67 26.74
CA VAL B 289 6.99 16.06 27.99
C VAL B 289 8.50 15.83 27.96
N LYS B 290 9.05 15.50 26.79
CA LYS B 290 10.49 15.23 26.70
C LYS B 290 11.32 16.47 27.00
N THR B 291 10.79 17.67 26.75
CA THR B 291 11.59 18.88 26.91
C THR B 291 12.00 19.14 28.35
N PHE B 292 11.33 18.53 29.32
CA PHE B 292 11.66 18.73 30.73
C PHE B 292 12.71 17.77 31.24
N ASN B 293 13.20 16.86 30.39
CA ASN B 293 14.34 16.00 30.68
C ASN B 293 14.15 15.17 31.95
N LEU B 294 12.93 14.81 32.25
CA LEU B 294 12.72 13.93 33.38
C LEU B 294 12.62 12.48 32.93
N PRO B 295 12.98 11.52 33.78
CA PRO B 295 12.78 10.11 33.42
C PRO B 295 11.31 9.83 33.12
N LEU B 296 11.06 9.30 31.93
CA LEU B 296 9.72 9.18 31.40
C LEU B 296 9.35 7.73 31.17
N LEU B 297 8.13 7.36 31.54
CA LEU B 297 7.57 6.04 31.26
C LEU B 297 6.39 6.23 30.30
N MET B 298 6.56 5.80 29.06
CA MET B 298 5.51 5.89 28.05
C MET B 298 4.76 4.57 27.98
N LEU B 299 3.44 4.64 28.13
CA LEU B 299 2.59 3.46 28.13
C LEU B 299 1.53 3.58 27.03
N GLY B 300 0.93 2.44 26.70
CA GLY B 300 -0.13 2.41 25.72
C GLY B 300 -1.48 2.76 26.29
N GLY B 301 -2.52 2.00 25.95
CA GLY B 301 -3.85 2.28 26.45
C GLY B 301 -4.94 2.10 25.40
N GLY B 302 -5.82 3.07 25.29
CA GLY B 302 -6.90 2.99 24.33
C GLY B 302 -6.42 3.06 22.90
N GLY B 303 -7.35 2.83 21.98
CA GLY B 303 -7.05 2.81 20.56
C GLY B 303 -7.73 1.64 19.88
N TYR B 304 -8.74 1.93 19.05
CA TYR B 304 -9.60 0.88 18.53
C TYR B 304 -9.83 0.94 17.03
N THR B 305 -9.19 1.89 16.33
CA THR B 305 -8.98 1.79 14.88
C THR B 305 -7.52 1.40 14.72
N ILE B 306 -7.27 0.08 14.75
CA ILE B 306 -5.94 -0.42 15.09
C ILE B 306 -4.88 0.00 14.07
N ARG B 307 -5.28 0.26 12.83
CA ARG B 307 -4.29 0.71 11.85
C ARG B 307 -3.73 2.08 12.23
N ASN B 308 -4.53 2.93 12.87
CA ASN B 308 -4.04 4.22 13.32
C ASN B 308 -3.30 4.11 14.65
N VAL B 309 -3.64 3.11 15.46
CA VAL B 309 -2.89 2.85 16.68
C VAL B 309 -1.45 2.49 16.35
N ALA B 310 -1.27 1.61 15.35
CA ALA B 310 0.09 1.23 14.93
C ALA B 310 0.83 2.43 14.37
N ARG B 311 0.14 3.30 13.64
CA ARG B 311 0.77 4.53 13.15
C ARG B 311 1.18 5.42 14.32
N CYS B 312 0.28 5.60 15.28
CA CYS B 312 0.52 6.55 16.37
C CYS B 312 1.68 6.10 17.24
N TRP B 313 1.65 4.87 17.74
CA TRP B 313 2.68 4.41 18.66
C TRP B 313 4.00 4.16 17.96
N THR B 314 4.00 3.91 16.65
CA THR B 314 5.26 3.85 15.92
C THR B 314 5.93 5.22 15.85
N TYR B 315 5.17 6.25 15.45
CA TYR B 315 5.74 7.59 15.36
C TYR B 315 6.14 8.11 16.73
N GLU B 316 5.35 7.82 17.76
CA GLU B 316 5.69 8.29 19.10
C GLU B 316 6.91 7.57 19.66
N THR B 317 7.18 6.35 19.20
CA THR B 317 8.45 5.70 19.56
C THR B 317 9.61 6.40 18.86
N ALA B 318 9.43 6.79 17.59
CA ALA B 318 10.46 7.54 16.90
C ALA B 318 10.71 8.89 17.57
N VAL B 319 9.65 9.52 18.09
CA VAL B 319 9.80 10.78 18.82
C VAL B 319 10.67 10.56 20.06
N ALA B 320 10.40 9.49 20.80
CA ALA B 320 11.20 9.19 22.00
C ALA B 320 12.66 9.00 21.65
N LEU B 321 12.95 8.40 20.50
CA LEU B 321 14.31 8.20 20.03
C LEU B 321 14.90 9.44 19.38
N ASP B 322 14.20 10.57 19.40
CA ASP B 322 14.61 11.79 18.69
C ASP B 322 14.92 11.49 17.22
N CYS B 323 14.08 10.65 16.62
CA CYS B 323 14.26 10.20 15.25
C CYS B 323 13.03 10.53 14.43
N GLU B 324 13.25 10.99 13.21
CA GLU B 324 12.18 11.16 12.25
C GLU B 324 12.17 9.98 11.29
N ILE B 325 10.97 9.63 10.82
CA ILE B 325 10.81 8.50 9.91
C ILE B 325 9.97 8.96 8.72
N PRO B 326 10.19 8.42 7.53
CA PRO B 326 9.45 8.89 6.36
C PRO B 326 7.95 8.60 6.48
N ASN B 327 7.16 9.48 5.87
CA ASN B 327 5.72 9.27 5.82
C ASN B 327 5.36 8.05 4.98
N GLU B 328 6.19 7.73 3.99
CA GLU B 328 6.00 6.54 3.17
C GLU B 328 6.20 5.30 4.03
N LEU B 329 5.13 4.54 4.25
CA LEU B 329 5.24 3.37 5.12
C LEU B 329 6.08 2.29 4.46
N PRO B 330 7.02 1.69 5.18
CA PRO B 330 7.76 0.55 4.61
C PRO B 330 6.89 -0.69 4.59
N TYR B 331 7.30 -1.66 3.79
CA TYR B 331 6.57 -2.92 3.74
C TYR B 331 6.66 -3.60 5.10
N ASN B 332 5.59 -4.29 5.49
CA ASN B 332 5.54 -4.98 6.77
C ASN B 332 4.52 -6.10 6.66
N ASP B 333 4.41 -6.89 7.74
CA ASP B 333 3.51 -8.04 7.75
C ASP B 333 2.05 -7.65 7.69
N TYR B 334 1.70 -6.38 7.88
CA TYR B 334 0.33 -5.93 7.87
C TYR B 334 0.17 -4.73 6.95
N PHE B 335 0.91 -4.74 5.84
CA PHE B 335 0.95 -3.61 4.93
C PHE B 335 -0.44 -3.29 4.38
N GLU B 336 -1.25 -4.32 4.10
CA GLU B 336 -2.58 -4.10 3.55
C GLU B 336 -3.52 -3.40 4.55
N TYR B 337 -3.18 -3.41 5.84
CA TYR B 337 -4.03 -2.75 6.83
C TYR B 337 -4.04 -1.23 6.64
N PHE B 338 -2.99 -0.67 6.04
CA PHE B 338 -2.79 0.76 6.00
C PHE B 338 -3.23 1.40 4.68
N GLY B 339 -4.02 0.69 3.88
CA GLY B 339 -4.58 1.26 2.68
C GLY B 339 -5.60 2.33 3.03
N PRO B 340 -5.98 3.17 2.04
CA PRO B 340 -5.50 3.13 0.65
C PRO B 340 -4.27 3.98 0.41
N ASP B 341 -3.87 4.78 1.41
CA ASP B 341 -2.75 5.71 1.27
C ASP B 341 -1.41 5.07 1.57
N PHE B 342 -1.36 4.16 2.53
CA PHE B 342 -0.11 3.54 2.99
C PHE B 342 0.88 4.59 3.49
N LYS B 343 0.37 5.57 4.22
CA LYS B 343 1.18 6.63 4.81
C LYS B 343 1.18 6.50 6.32
N LEU B 344 2.26 6.99 6.94
CA LEU B 344 2.35 6.94 8.40
C LEU B 344 1.37 7.91 9.05
N HIS B 345 1.27 9.13 8.52
CA HIS B 345 0.43 10.14 9.13
C HIS B 345 -0.98 10.14 8.52
N ILE B 346 -1.93 10.64 9.30
CA ILE B 346 -3.33 10.63 8.93
C ILE B 346 -3.82 12.07 8.78
N SER B 347 -4.97 12.21 8.14
CA SER B 347 -5.61 13.50 7.98
C SER B 347 -6.80 13.61 8.92
N PRO B 348 -7.10 14.81 9.43
CA PRO B 348 -8.28 14.99 10.26
C PRO B 348 -9.56 14.89 9.43
N SER B 349 -10.68 14.69 10.13
CA SER B 349 -11.98 14.64 9.49
C SER B 349 -12.57 16.05 9.43
N ASN B 350 -13.78 16.16 8.88
CA ASN B 350 -14.48 17.43 8.76
C ASN B 350 -15.46 17.66 9.91
N MET B 351 -15.33 16.91 11.01
CA MET B 351 -16.24 17.07 12.13
C MET B 351 -16.02 18.42 12.81
N THR B 352 -17.09 18.94 13.41
CA THR B 352 -17.04 20.25 14.05
C THR B 352 -16.31 20.16 15.37
N ASN B 353 -15.36 21.08 15.58
CA ASN B 353 -14.66 21.20 16.85
C ASN B 353 -15.56 21.97 17.81
N GLN B 354 -16.30 21.25 18.65
CA GLN B 354 -17.19 21.88 19.61
C GLN B 354 -16.46 22.55 20.76
N ASN B 355 -15.13 22.48 20.80
CA ASN B 355 -14.34 23.14 21.84
C ASN B 355 -13.97 24.52 21.31
N THR B 356 -14.83 25.50 21.60
CA THR B 356 -14.57 26.87 21.16
C THR B 356 -13.31 27.40 21.85
N PRO B 357 -12.62 28.36 21.22
CA PRO B 357 -11.42 28.92 21.88
C PRO B 357 -11.71 29.57 23.22
N GLU B 358 -12.92 30.12 23.40
CA GLU B 358 -13.26 30.70 24.69
C GLU B 358 -13.44 29.62 25.75
N TYR B 359 -14.03 28.48 25.37
CA TYR B 359 -14.17 27.38 26.30
C TYR B 359 -12.80 26.85 26.74
N MET B 360 -11.92 26.56 25.78
CA MET B 360 -10.61 26.04 26.11
CA MET B 360 -10.60 26.05 26.11
C MET B 360 -9.87 26.99 27.05
N GLU B 361 -9.94 28.30 26.79
CA GLU B 361 -9.22 29.25 27.61
C GLU B 361 -9.83 29.37 29.00
N LYS B 362 -11.16 29.40 29.08
CA LYS B 362 -11.81 29.54 30.38
C LYS B 362 -11.54 28.34 31.28
N ILE B 363 -11.60 27.13 30.71
CA ILE B 363 -11.23 25.94 31.47
C ILE B 363 -9.76 25.99 31.86
N LYS B 364 -8.91 26.51 30.96
CA LYS B 364 -7.50 26.64 31.28
C LYS B 364 -7.26 27.63 32.43
N GLN B 365 -8.06 28.69 32.49
CA GLN B 365 -7.91 29.65 33.58
C GLN B 365 -8.20 29.01 34.92
N ARG B 366 -9.29 28.22 35.01
CA ARG B 366 -9.66 27.60 36.27
C ARG B 366 -8.61 26.58 36.72
N LEU B 367 -7.96 25.91 35.78
CA LEU B 367 -6.88 24.99 36.17
C LEU B 367 -5.66 25.74 36.67
N PHE B 368 -5.33 26.88 36.03
CA PHE B 368 -4.22 27.69 36.51
C PHE B 368 -4.47 28.20 37.92
N GLU B 369 -5.73 28.52 38.24
CA GLU B 369 -6.06 28.96 39.59
C GLU B 369 -5.93 27.82 40.59
N ASN B 370 -6.24 26.59 40.18
CA ASN B 370 -6.03 25.45 41.07
C ASN B 370 -4.55 25.12 41.20
N LEU B 371 -3.80 25.23 40.11
CA LEU B 371 -2.37 24.92 40.17
C LEU B 371 -1.60 25.94 41.00
N ARG B 372 -2.08 27.17 41.08
CA ARG B 372 -1.40 28.17 41.90
C ARG B 372 -1.62 27.96 43.39
N MET B 373 -2.52 27.04 43.78
CA MET B 373 -2.73 26.72 45.19
C MET B 373 -1.63 25.83 45.77
N LEU B 374 -0.70 25.38 44.95
CA LEU B 374 0.40 24.56 45.48
C LEU B 374 1.43 25.46 46.17
N PRO B 375 1.97 25.04 47.32
CA PRO B 375 2.94 25.83 48.07
C PRO B 375 4.26 26.02 47.34
N LYS C 11 -19.51 33.03 -8.15
CA LYS C 11 -18.31 33.50 -7.47
C LYS C 11 -17.09 32.69 -7.92
N VAL C 12 -16.00 33.40 -8.23
CA VAL C 12 -14.77 32.78 -8.71
C VAL C 12 -13.60 33.33 -7.90
N CYS C 13 -12.72 32.44 -7.45
CA CYS C 13 -11.48 32.80 -6.78
C CYS C 13 -10.31 32.47 -7.68
N TYR C 14 -9.41 33.43 -7.85
CA TYR C 14 -8.26 33.31 -8.75
C TYR C 14 -6.98 33.23 -7.93
N TYR C 15 -6.10 32.31 -8.31
CA TYR C 15 -4.84 32.08 -7.61
C TYR C 15 -3.68 32.32 -8.57
N TYR C 16 -2.70 33.12 -8.13
CA TYR C 16 -1.57 33.48 -8.97
C TYR C 16 -0.47 34.05 -8.09
N ASP C 17 0.76 33.66 -8.38
CA ASP C 17 1.95 34.20 -7.73
C ASP C 17 2.80 34.88 -8.79
N GLY C 18 3.23 36.11 -8.50
CA GLY C 18 3.98 36.90 -9.46
C GLY C 18 5.32 36.31 -9.86
N ASP C 19 5.78 35.26 -9.19
CA ASP C 19 7.06 34.63 -9.50
C ASP C 19 6.90 33.39 -10.38
N ILE C 20 5.68 32.98 -10.69
CA ILE C 20 5.46 31.74 -11.44
C ILE C 20 5.98 31.86 -12.88
N GLY C 21 6.08 33.07 -13.42
CA GLY C 21 6.55 33.23 -14.78
C GLY C 21 8.05 33.34 -14.93
N ASN C 22 8.79 33.32 -13.83
CA ASN C 22 10.24 33.43 -13.87
C ASN C 22 10.95 32.08 -13.87
N TYR C 23 10.25 31.00 -13.54
CA TYR C 23 10.86 29.67 -13.58
C TYR C 23 11.00 29.22 -15.02
N TYR C 24 12.21 28.77 -15.37
CA TYR C 24 12.57 28.46 -16.75
C TYR C 24 13.05 27.02 -16.82
N TYR C 25 12.39 26.21 -17.65
CA TYR C 25 12.74 24.80 -17.76
C TYR C 25 14.07 24.59 -18.46
N GLY C 26 14.44 25.48 -19.37
CA GLY C 26 15.69 25.38 -20.10
C GLY C 26 15.52 25.82 -21.55
N GLN C 27 16.65 26.10 -22.19
CA GLN C 27 16.64 26.55 -23.58
C GLN C 27 16.19 25.43 -24.49
N GLY C 28 15.07 25.64 -25.18
CA GLY C 28 14.51 24.66 -26.10
C GLY C 28 13.42 23.78 -25.52
N HIS C 29 13.13 23.91 -24.23
CA HIS C 29 12.09 23.10 -23.62
C HIS C 29 10.72 23.70 -23.93
N PRO C 30 9.73 22.90 -24.32
CA PRO C 30 8.43 23.47 -24.70
C PRO C 30 7.65 24.04 -23.52
N MET C 31 7.88 23.55 -22.30
CA MET C 31 7.15 24.04 -21.13
C MET C 31 7.67 25.43 -20.78
N LYS C 32 6.82 26.45 -20.99
CA LYS C 32 7.15 27.85 -20.72
C LYS C 32 6.23 28.35 -19.62
N PRO C 33 6.65 28.25 -18.34
CA PRO C 33 5.83 28.81 -17.26
C PRO C 33 5.52 30.30 -17.41
N HIS C 34 6.21 30.99 -18.31
CA HIS C 34 5.87 32.38 -18.62
C HIS C 34 4.47 32.51 -19.19
N ARG C 35 3.90 31.43 -19.74
CA ARG C 35 2.54 31.47 -20.26
C ARG C 35 1.52 31.76 -19.17
N ILE C 36 1.85 31.47 -17.92
CA ILE C 36 0.94 31.76 -16.82
C ILE C 36 0.89 33.26 -16.56
N ARG C 37 2.02 33.95 -16.71
CA ARG C 37 2.04 35.40 -16.55
C ARG C 37 1.37 36.09 -17.73
N MET C 38 1.57 35.56 -18.95
CA MET C 38 0.86 36.09 -20.11
C MET C 38 -0.64 35.90 -19.97
N THR C 39 -1.06 34.75 -19.42
CA THR C 39 -2.48 34.54 -19.14
C THR C 39 -2.99 35.53 -18.11
N HIS C 40 -2.23 35.70 -17.03
CA HIS C 40 -2.64 36.63 -15.97
C HIS C 40 -2.67 38.05 -16.47
N ASN C 41 -1.64 38.46 -17.23
CA ASN C 41 -1.60 39.84 -17.72
C ASN C 41 -2.68 40.12 -18.76
N LEU C 42 -3.01 39.13 -19.59
CA LEU C 42 -4.02 39.35 -20.62
C LEU C 42 -5.40 39.53 -20.01
N LEU C 43 -5.75 38.72 -19.02
CA LEU C 43 -7.06 38.83 -18.37
C LEU C 43 -7.14 40.01 -17.41
N LEU C 44 -5.99 40.58 -17.02
CA LEU C 44 -6.04 41.80 -16.21
C LEU C 44 -6.45 43.00 -17.05
N ASN C 45 -6.02 43.04 -18.31
CA ASN C 45 -6.41 44.13 -19.21
C ASN C 45 -7.84 43.99 -19.70
N TYR C 46 -8.40 42.78 -19.70
CA TYR C 46 -9.81 42.60 -20.02
C TYR C 46 -10.73 43.06 -18.90
N GLY C 47 -10.19 43.46 -17.75
CA GLY C 47 -11.01 43.88 -16.64
C GLY C 47 -11.65 42.75 -15.86
N LEU C 48 -11.13 41.52 -15.97
CA LEU C 48 -11.72 40.39 -15.29
C LEU C 48 -11.41 40.36 -13.80
N TYR C 49 -10.47 41.19 -13.33
CA TYR C 49 -10.16 41.26 -11.90
C TYR C 49 -11.25 41.97 -11.11
N ARG C 50 -12.24 42.57 -11.77
CA ARG C 50 -13.32 43.26 -11.08
C ARG C 50 -14.42 42.31 -10.63
N LYS C 51 -14.46 41.07 -11.14
CA LYS C 51 -15.53 40.14 -10.85
C LYS C 51 -15.06 38.91 -10.09
N MET C 52 -13.80 38.87 -9.68
CA MET C 52 -13.27 37.71 -8.97
C MET C 52 -12.22 38.16 -7.96
N GLU C 53 -12.06 37.37 -6.91
CA GLU C 53 -11.07 37.64 -5.87
C GLU C 53 -9.77 36.92 -6.22
N ILE C 54 -8.66 37.64 -6.12
CA ILE C 54 -7.34 37.12 -6.47
C ILE C 54 -6.54 36.93 -5.19
N TYR C 55 -6.08 35.70 -4.98
CA TYR C 55 -5.26 35.35 -3.82
C TYR C 55 -3.88 34.89 -4.28
N ARG C 56 -2.88 35.15 -3.44
CA ARG C 56 -1.53 34.68 -3.70
C ARG C 56 -1.35 33.32 -3.04
N PRO C 57 -1.07 32.25 -3.80
CA PRO C 57 -1.00 30.92 -3.19
C PRO C 57 0.21 30.77 -2.29
N HIS C 58 -0.01 30.11 -1.15
CA HIS C 58 1.08 29.73 -0.28
C HIS C 58 1.90 28.61 -0.93
N LYS C 59 3.15 28.50 -0.50
CA LYS C 59 4.01 27.43 -0.99
C LYS C 59 3.68 26.14 -0.24
N ALA C 60 3.22 25.12 -0.97
CA ALA C 60 2.91 23.83 -0.37
C ALA C 60 4.18 23.21 0.18
N THR C 61 4.16 22.89 1.47
CA THR C 61 5.34 22.32 2.13
C THR C 61 5.65 20.94 1.57
N ALA C 62 6.90 20.50 1.79
CA ALA C 62 7.28 19.16 1.38
C ALA C 62 6.50 18.09 2.16
N GLU C 63 6.09 18.42 3.39
CA GLU C 63 5.27 17.50 4.18
C GLU C 63 3.91 17.29 3.53
N GLU C 64 3.28 18.38 3.09
CA GLU C 64 1.99 18.28 2.43
C GLU C 64 2.09 17.53 1.10
N MET C 65 3.28 17.54 0.49
CA MET C 65 3.47 16.79 -0.75
C MET C 65 3.58 15.29 -0.48
N THR C 66 4.11 14.90 0.68
CA THR C 66 4.21 13.49 1.02
C THR C 66 2.88 12.86 1.38
N LYS C 67 1.78 13.63 1.34
CA LYS C 67 0.46 13.04 1.50
C LYS C 67 0.13 12.08 0.36
N TYR C 68 0.81 12.20 -0.77
CA TYR C 68 0.63 11.29 -1.89
C TYR C 68 1.98 10.78 -2.39
N HIS C 69 2.92 11.70 -2.61
CA HIS C 69 4.23 11.33 -3.13
C HIS C 69 5.06 10.65 -2.03
N SER C 70 6.12 9.98 -2.47
CA SER C 70 7.02 9.32 -1.54
C SER C 70 8.02 10.31 -0.95
N ASP C 71 8.62 9.90 0.17
CA ASP C 71 9.55 10.79 0.87
C ASP C 71 10.88 10.93 0.14
N GLU C 72 11.41 9.81 -0.37
CA GLU C 72 12.68 9.89 -1.09
C GLU C 72 12.57 10.69 -2.38
N TYR C 73 11.39 10.67 -3.01
CA TYR C 73 11.19 11.44 -4.24
C TYR C 73 11.04 12.93 -3.94
N ILE C 74 10.27 13.27 -2.89
CA ILE C 74 10.11 14.68 -2.52
C ILE C 74 11.41 15.22 -1.95
N LYS C 75 12.12 14.43 -1.16
CA LYS C 75 13.42 14.87 -0.65
C LYS C 75 14.41 15.06 -1.79
N PHE C 76 14.28 14.26 -2.86
CA PHE C 76 15.15 14.42 -4.02
C PHE C 76 14.85 15.72 -4.75
N LEU C 77 13.57 16.06 -4.90
CA LEU C 77 13.21 17.29 -5.60
C LEU C 77 13.70 18.54 -4.87
N ARG C 78 13.85 18.46 -3.55
CA ARG C 78 14.34 19.61 -2.79
C ARG C 78 15.84 19.78 -2.93
N SER C 79 16.60 18.68 -2.94
CA SER C 79 18.05 18.75 -2.92
C SER C 79 18.68 18.70 -4.30
N ILE C 80 17.90 18.50 -5.36
CA ILE C 80 18.48 18.41 -6.71
C ILE C 80 18.71 19.81 -7.25
N ARG C 81 19.91 20.05 -7.78
CA ARG C 81 20.32 21.33 -8.32
C ARG C 81 21.13 21.08 -9.59
N PRO C 82 21.18 22.05 -10.50
CA PRO C 82 21.97 21.84 -11.72
C PRO C 82 23.45 21.60 -11.47
N ASP C 83 23.99 22.10 -10.36
CA ASP C 83 25.41 21.91 -10.08
C ASP C 83 25.71 20.51 -9.56
N ASN C 84 24.90 20.01 -8.63
CA ASN C 84 25.12 18.69 -8.03
C ASN C 84 24.38 17.58 -8.75
N MET C 85 24.17 17.70 -10.07
CA MET C 85 23.52 16.62 -10.80
C MET C 85 24.38 15.37 -10.87
N SER C 86 25.70 15.52 -10.83
CA SER C 86 26.59 14.36 -10.86
C SER C 86 26.50 13.52 -9.59
N GLU C 87 26.07 14.12 -8.48
CA GLU C 87 25.96 13.39 -7.23
C GLU C 87 24.72 12.51 -7.19
N TYR C 88 23.67 12.87 -7.94
CA TYR C 88 22.38 12.19 -7.91
C TYR C 88 22.09 11.46 -9.21
N SER C 89 23.11 10.83 -9.80
CA SER C 89 22.92 10.16 -11.08
C SER C 89 21.98 8.96 -10.96
N LYS C 90 22.08 8.22 -9.85
CA LYS C 90 21.21 7.06 -9.67
C LYS C 90 19.78 7.47 -9.37
N GLN C 91 19.59 8.51 -8.56
CA GLN C 91 18.24 8.92 -8.18
C GLN C 91 17.52 9.61 -9.35
N MET C 92 18.27 10.26 -10.24
CA MET C 92 17.65 10.86 -11.41
C MET C 92 17.03 9.81 -12.32
N GLN C 93 17.62 8.62 -12.36
CA GLN C 93 17.06 7.53 -13.17
C GLN C 93 15.87 6.89 -12.48
N ARG C 94 15.92 6.77 -11.15
CA ARG C 94 14.79 6.18 -10.41
C ARG C 94 13.55 7.05 -10.50
N PHE C 95 13.72 8.37 -10.50
CA PHE C 95 12.61 9.31 -10.48
C PHE C 95 12.34 9.94 -11.84
N ASN C 96 13.12 9.58 -12.87
CA ASN C 96 12.94 10.09 -14.23
C ASN C 96 13.00 11.62 -14.27
N VAL C 97 14.10 12.15 -13.76
CA VAL C 97 14.33 13.59 -13.72
C VAL C 97 15.67 13.88 -14.38
N GLY C 98 15.68 14.85 -15.31
CA GLY C 98 16.91 15.25 -15.96
C GLY C 98 16.80 15.36 -17.46
N GLU C 99 16.05 14.45 -18.09
CA GLU C 99 15.92 14.43 -19.54
C GLU C 99 14.64 15.15 -19.97
N ASP C 100 13.54 14.40 -20.11
CA ASP C 100 12.27 15.01 -20.47
C ASP C 100 11.78 15.95 -19.38
N CYS C 101 12.08 15.65 -18.12
CA CYS C 101 11.79 16.52 -16.98
C CYS C 101 13.11 17.04 -16.43
N PRO C 102 13.63 18.14 -16.94
CA PRO C 102 15.00 18.55 -16.61
C PRO C 102 15.11 19.12 -15.21
N VAL C 103 16.35 19.33 -14.78
CA VAL C 103 16.68 19.95 -13.50
C VAL C 103 17.02 21.41 -13.77
N PHE C 104 16.17 22.32 -13.27
CA PHE C 104 16.37 23.75 -13.45
C PHE C 104 16.35 24.44 -12.10
N ASP C 105 16.80 25.70 -12.09
CA ASP C 105 16.86 26.46 -10.84
C ASP C 105 15.46 26.73 -10.30
N GLY C 106 15.28 26.51 -9.00
CA GLY C 106 13.99 26.69 -8.37
C GLY C 106 12.96 25.66 -8.79
N LEU C 107 13.40 24.42 -9.01
CA LEU C 107 12.46 23.37 -9.42
C LEU C 107 11.44 23.08 -8.32
N PHE C 108 11.89 22.99 -7.06
CA PHE C 108 10.97 22.65 -5.99
C PHE C 108 10.06 23.83 -5.65
N GLU C 109 10.59 25.06 -5.70
CA GLU C 109 9.76 26.22 -5.45
C GLU C 109 8.64 26.37 -6.47
N PHE C 110 8.92 25.99 -7.73
CA PHE C 110 7.86 25.98 -8.74
C PHE C 110 6.77 24.99 -8.38
N CYS C 111 7.16 23.81 -7.89
CA CYS C 111 6.17 22.80 -7.49
C CYS C 111 5.38 23.23 -6.26
N GLN C 112 5.98 24.06 -5.40
CA GLN C 112 5.26 24.55 -4.23
C GLN C 112 4.18 25.55 -4.62
N LEU C 113 4.47 26.41 -5.60
CA LEU C 113 3.49 27.40 -6.04
C LEU C 113 2.39 26.75 -6.88
N SER C 114 2.75 25.78 -7.72
CA SER C 114 1.75 25.08 -8.51
C SER C 114 0.81 24.26 -7.63
N THR C 115 1.37 23.53 -6.66
CA THR C 115 0.55 22.75 -5.76
C THR C 115 -0.20 23.64 -4.77
N GLY C 116 0.46 24.69 -4.29
CA GLY C 116 -0.18 25.57 -3.31
C GLY C 116 -1.44 26.21 -3.84
N GLY C 117 -1.45 26.59 -5.12
CA GLY C 117 -2.64 27.15 -5.71
C GLY C 117 -3.77 26.15 -5.84
N SER C 118 -3.45 24.87 -6.05
CA SER C 118 -4.48 23.86 -6.20
C SER C 118 -5.08 23.45 -4.86
N VAL C 119 -4.24 23.31 -3.83
CA VAL C 119 -4.74 22.92 -2.52
C VAL C 119 -5.51 24.07 -1.88
N ALA C 120 -5.06 25.31 -2.09
CA ALA C 120 -5.78 26.45 -1.54
C ALA C 120 -7.13 26.63 -2.23
N GLY C 121 -7.20 26.36 -3.53
CA GLY C 121 -8.47 26.39 -4.22
C GLY C 121 -9.42 25.31 -3.74
N ALA C 122 -8.89 24.15 -3.35
CA ALA C 122 -9.73 23.10 -2.80
C ALA C 122 -10.22 23.45 -1.40
N VAL C 123 -9.40 24.13 -0.61
CA VAL C 123 -9.83 24.53 0.73
C VAL C 123 -10.94 25.56 0.65
N LYS C 124 -10.86 26.49 -0.32
CA LYS C 124 -11.94 27.45 -0.51
C LYS C 124 -13.22 26.78 -0.97
N LEU C 125 -13.12 25.71 -1.75
CA LEU C 125 -14.30 24.95 -2.14
C LEU C 125 -14.81 24.08 -0.99
N ASN C 126 -13.92 23.64 -0.10
CA ASN C 126 -14.35 22.81 1.03
C ASN C 126 -15.05 23.65 2.09
N ARG C 127 -14.52 24.84 2.39
CA ARG C 127 -15.14 25.72 3.36
C ARG C 127 -16.33 26.48 2.81
N GLN C 128 -16.74 26.20 1.58
CA GLN C 128 -17.92 26.80 0.96
C GLN C 128 -17.82 28.33 0.89
N GLN C 129 -16.60 28.84 0.76
CA GLN C 129 -16.37 30.27 0.63
C GLN C 129 -16.22 30.71 -0.82
N THR C 130 -16.48 29.82 -1.77
CA THR C 130 -16.46 30.15 -3.19
C THR C 130 -17.19 29.07 -3.95
N ASP C 131 -17.65 29.43 -5.15
CA ASP C 131 -18.26 28.46 -6.05
C ASP C 131 -17.30 27.91 -7.09
N MET C 132 -16.26 28.67 -7.42
CA MET C 132 -15.25 28.24 -8.38
C MET C 132 -13.89 28.74 -7.95
N ALA C 133 -12.87 27.92 -8.16
CA ALA C 133 -11.49 28.28 -7.86
C ALA C 133 -10.63 27.95 -9.08
N VAL C 134 -9.74 28.87 -9.44
CA VAL C 134 -8.93 28.77 -10.64
C VAL C 134 -7.46 28.80 -10.26
N ASN C 135 -6.67 27.90 -10.85
CA ASN C 135 -5.22 27.84 -10.63
C ASN C 135 -4.58 27.38 -11.94
N TRP C 136 -4.25 28.35 -12.80
CA TRP C 136 -3.65 28.01 -14.09
C TRP C 136 -2.21 27.52 -13.94
N ALA C 137 -1.58 27.76 -12.80
CA ALA C 137 -0.23 27.24 -12.56
C ALA C 137 -0.23 25.75 -12.29
N GLY C 138 -1.36 25.18 -11.91
CA GLY C 138 -1.48 23.76 -11.66
C GLY C 138 -1.90 22.98 -12.88
N GLY C 139 -2.48 21.81 -12.63
CA GLY C 139 -2.91 20.93 -13.69
C GLY C 139 -1.88 19.93 -14.16
N LEU C 140 -0.74 19.84 -13.50
CA LEU C 140 0.32 18.90 -13.88
C LEU C 140 -0.14 17.49 -13.56
N HIS C 141 -0.68 16.80 -14.56
CA HIS C 141 -1.41 15.56 -14.37
C HIS C 141 -0.61 14.31 -14.71
N HIS C 142 0.70 14.43 -14.95
CA HIS C 142 1.52 13.29 -15.31
C HIS C 142 2.44 12.81 -14.18
N ALA C 143 2.58 13.59 -13.11
CA ALA C 143 3.48 13.20 -12.02
C ALA C 143 2.92 12.02 -11.25
N LYS C 144 3.80 11.06 -10.94
CA LYS C 144 3.43 9.87 -10.19
C LYS C 144 3.89 10.01 -8.74
N LYS C 145 3.67 8.96 -7.96
CA LYS C 145 4.04 8.99 -6.54
C LYS C 145 5.55 9.18 -6.37
N SER C 146 6.34 8.44 -7.13
CA SER C 146 7.79 8.45 -6.99
C SER C 146 8.48 8.55 -8.35
N GLU C 147 7.93 9.38 -9.24
CA GLU C 147 8.49 9.54 -10.57
C GLU C 147 7.94 10.80 -11.21
N ALA C 148 8.83 11.56 -11.85
CA ALA C 148 8.42 12.70 -12.67
C ALA C 148 8.18 12.25 -14.10
N SER C 149 7.18 12.85 -14.74
CA SER C 149 6.80 12.46 -16.10
C SER C 149 6.06 13.60 -16.76
N GLY C 150 6.20 13.68 -18.09
CA GLY C 150 5.48 14.65 -18.90
C GLY C 150 5.60 16.08 -18.42
N PHE C 151 6.82 16.51 -18.10
CA PHE C 151 7.13 17.85 -17.60
C PHE C 151 6.51 18.12 -16.23
N CYS C 152 6.00 17.09 -15.56
CA CYS C 152 5.37 17.23 -14.26
C CYS C 152 6.22 16.57 -13.19
N TYR C 153 6.35 17.23 -12.04
CA TYR C 153 7.12 16.73 -10.92
C TYR C 153 6.25 16.41 -9.71
N VAL C 154 5.35 17.30 -9.34
CA VAL C 154 4.42 17.10 -8.24
C VAL C 154 3.00 17.19 -8.78
N ASN C 155 2.20 16.16 -8.53
CA ASN C 155 0.83 16.12 -9.02
C ASN C 155 -0.04 16.97 -8.10
N ASP C 156 -0.25 18.22 -8.48
CA ASP C 156 -1.09 19.12 -7.68
C ASP C 156 -2.55 18.69 -7.70
N ILE C 157 -2.99 18.04 -8.77
CA ILE C 157 -4.38 17.64 -8.88
C ILE C 157 -4.73 16.60 -7.84
N VAL C 158 -3.88 15.57 -7.69
CA VAL C 158 -4.14 14.51 -6.73
C VAL C 158 -4.12 15.06 -5.32
N LEU C 159 -3.16 15.95 -5.02
CA LEU C 159 -3.11 16.55 -3.69
C LEU C 159 -4.30 17.45 -3.43
N ALA C 160 -4.84 18.10 -4.48
CA ALA C 160 -6.03 18.91 -4.32
C ALA C 160 -7.30 18.07 -4.21
N ILE C 161 -7.36 16.94 -4.90
CA ILE C 161 -8.52 16.07 -4.81
C ILE C 161 -8.59 15.41 -3.43
N LEU C 162 -7.44 15.01 -2.88
CA LEU C 162 -7.41 14.47 -1.53
C LEU C 162 -7.89 15.50 -0.51
N GLU C 163 -7.60 16.78 -0.74
CA GLU C 163 -8.14 17.83 0.11
C GLU C 163 -9.65 17.94 -0.02
N LEU C 164 -10.18 17.71 -1.23
CA LEU C 164 -11.61 17.75 -1.46
C LEU C 164 -12.32 16.53 -0.89
N LEU C 165 -11.65 15.38 -0.83
CA LEU C 165 -12.27 14.17 -0.30
C LEU C 165 -12.56 14.27 1.19
N LYS C 166 -11.88 15.17 1.91
CA LYS C 166 -12.16 15.37 3.32
C LYS C 166 -13.54 15.94 3.57
N TYR C 167 -14.13 16.63 2.57
CA TYR C 167 -15.47 17.18 2.69
C TYR C 167 -16.45 16.63 1.66
N HIS C 168 -15.97 16.08 0.55
CA HIS C 168 -16.82 15.53 -0.49
C HIS C 168 -16.66 14.02 -0.56
N GLN C 169 -17.78 13.32 -0.76
CA GLN C 169 -17.73 11.86 -0.85
C GLN C 169 -17.33 11.40 -2.25
N ARG C 170 -17.79 12.10 -3.28
CA ARG C 170 -17.51 11.74 -4.66
C ARG C 170 -17.00 12.97 -5.40
N VAL C 171 -15.81 12.87 -5.99
CA VAL C 171 -15.19 13.95 -6.74
C VAL C 171 -14.98 13.49 -8.18
N LEU C 172 -15.41 14.32 -9.13
CA LEU C 172 -15.28 14.02 -10.55
C LEU C 172 -14.08 14.77 -11.11
N TYR C 173 -13.25 14.08 -11.89
CA TYR C 173 -12.08 14.66 -12.54
C TYR C 173 -12.25 14.53 -14.05
N ILE C 174 -12.17 15.65 -14.75
CA ILE C 174 -12.29 15.70 -16.20
C ILE C 174 -11.00 16.29 -16.76
N ASP C 175 -10.45 15.61 -17.77
CA ASP C 175 -9.15 15.96 -18.33
C ASP C 175 -9.32 16.15 -19.84
N ILE C 176 -9.29 17.41 -20.28
CA ILE C 176 -9.40 17.73 -21.71
C ILE C 176 -8.05 18.00 -22.34
N ASP C 177 -6.96 17.82 -21.59
CA ASP C 177 -5.63 17.87 -22.16
C ASP C 177 -5.47 16.79 -23.23
N ILE C 178 -4.74 17.12 -24.29
CA ILE C 178 -4.56 16.18 -25.39
C ILE C 178 -3.84 14.91 -24.94
N HIS C 179 -3.07 14.98 -23.86
CA HIS C 179 -2.44 13.80 -23.30
C HIS C 179 -3.32 13.19 -22.21
N HIS C 180 -3.18 11.88 -22.05
CA HIS C 180 -3.98 11.16 -21.06
C HIS C 180 -3.49 11.49 -19.66
N GLY C 181 -4.42 11.83 -18.77
CA GLY C 181 -4.09 12.11 -17.39
C GLY C 181 -3.82 10.85 -16.59
N ASP C 182 -2.72 10.16 -16.92
CA ASP C 182 -2.43 8.88 -16.27
C ASP C 182 -2.03 9.07 -14.81
N GLY C 183 -1.50 10.24 -14.45
CA GLY C 183 -1.13 10.48 -13.06
C GLY C 183 -2.32 10.54 -12.13
N VAL C 184 -3.37 11.25 -12.54
CA VAL C 184 -4.57 11.34 -11.72
C VAL C 184 -5.37 10.04 -11.78
N GLU C 185 -5.38 9.36 -12.94
CA GLU C 185 -6.11 8.10 -13.04
C GLU C 185 -5.47 7.02 -12.18
N GLU C 186 -4.14 6.93 -12.19
CA GLU C 186 -3.46 5.91 -11.40
C GLU C 186 -3.64 6.12 -9.90
N ALA C 187 -3.73 7.38 -9.47
CA ALA C 187 -3.88 7.67 -8.05
C ALA C 187 -5.21 7.14 -7.50
N PHE C 188 -6.29 7.29 -8.26
CA PHE C 188 -7.62 6.91 -7.83
C PHE C 188 -8.18 5.78 -8.68
N TYR C 189 -7.31 4.86 -9.10
CA TYR C 189 -7.71 3.80 -10.01
C TYR C 189 -8.50 2.69 -9.32
N THR C 190 -8.37 2.55 -8.01
CA THR C 190 -9.03 1.47 -7.28
C THR C 190 -10.10 1.97 -6.30
N THR C 191 -10.52 3.24 -6.41
CA THR C 191 -11.55 3.80 -5.54
C THR C 191 -12.67 4.37 -6.38
N ASP C 192 -13.89 4.29 -5.84
CA ASP C 192 -15.06 4.88 -6.48
C ASP C 192 -15.35 6.29 -6.00
N ARG C 193 -14.60 6.79 -5.02
CA ARG C 193 -14.82 8.15 -4.52
C ARG C 193 -14.25 9.22 -5.44
N VAL C 194 -13.43 8.85 -6.41
CA VAL C 194 -12.92 9.77 -7.42
C VAL C 194 -13.07 9.11 -8.78
N MET C 195 -13.74 9.79 -9.70
CA MET C 195 -13.98 9.29 -11.05
C MET C 195 -13.21 10.15 -12.04
N THR C 196 -12.38 9.51 -12.85
CA THR C 196 -11.53 10.21 -13.81
C THR C 196 -12.06 9.99 -15.22
N VAL C 197 -12.22 11.09 -15.96
CA VAL C 197 -12.65 11.07 -17.35
C VAL C 197 -11.61 11.83 -18.16
N SER C 198 -10.92 11.12 -19.06
CA SER C 198 -9.83 11.70 -19.82
C SER C 198 -10.11 11.57 -21.32
N PHE C 199 -10.19 12.72 -21.99
CA PHE C 199 -10.23 12.78 -23.45
C PHE C 199 -8.83 13.11 -23.94
N HIS C 200 -8.29 12.25 -24.80
CA HIS C 200 -6.88 12.37 -25.14
C HIS C 200 -6.61 11.72 -26.49
N LYS C 201 -5.47 12.06 -27.07
CA LYS C 201 -5.00 11.43 -28.29
C LYS C 201 -4.30 10.12 -27.96
N TYR C 202 -4.71 9.05 -28.63
CA TYR C 202 -4.21 7.71 -28.35
C TYR C 202 -3.64 7.10 -29.63
N GLY C 203 -2.58 6.32 -29.49
CA GLY C 203 -1.94 5.69 -30.63
C GLY C 203 -0.61 6.33 -30.99
N GLU C 204 0.48 5.73 -30.51
CA GLU C 204 1.84 6.23 -30.73
C GLU C 204 1.96 7.68 -30.27
N TYR C 205 1.68 7.89 -28.98
CA TYR C 205 1.63 9.23 -28.42
C TYR C 205 1.81 9.13 -26.90
N PHE C 206 2.45 10.15 -26.34
CA PHE C 206 2.66 10.18 -24.89
C PHE C 206 1.31 10.25 -24.17
N PRO C 207 1.16 9.55 -23.04
CA PRO C 207 2.17 8.70 -22.38
C PRO C 207 2.11 7.24 -22.81
N GLY C 208 1.12 6.88 -23.65
CA GLY C 208 0.95 5.52 -24.10
C GLY C 208 -0.16 4.76 -23.39
N THR C 209 -0.77 5.34 -22.37
CA THR C 209 -1.87 4.72 -21.64
C THR C 209 -3.18 5.41 -22.04
N GLY C 210 -4.21 5.22 -21.21
CA GLY C 210 -5.52 5.77 -21.53
C GLY C 210 -6.31 4.95 -22.51
N ASP C 211 -6.16 3.63 -22.48
CA ASP C 211 -6.84 2.76 -23.42
C ASP C 211 -8.34 2.73 -23.15
N LEU C 212 -9.10 2.38 -24.19
CA LEU C 212 -10.55 2.29 -24.07
C LEU C 212 -10.96 1.25 -23.01
N ARG C 213 -10.13 0.24 -22.81
CA ARG C 213 -10.45 -0.85 -21.89
C ARG C 213 -10.03 -0.57 -20.44
N ASP C 214 -9.23 0.46 -20.20
CA ASP C 214 -8.80 0.80 -18.85
C ASP C 214 -9.96 1.49 -18.13
N ILE C 215 -10.70 0.73 -17.34
CA ILE C 215 -11.90 1.25 -16.68
C ILE C 215 -11.77 1.29 -15.16
N GLY C 216 -10.70 0.76 -14.59
CA GLY C 216 -10.51 0.74 -13.16
C GLY C 216 -10.35 -0.68 -12.64
N ALA C 217 -10.25 -0.78 -11.32
CA ALA C 217 -10.11 -2.06 -10.66
C ALA C 217 -10.70 -1.97 -9.26
N GLY C 218 -11.10 -3.13 -8.73
CA GLY C 218 -11.68 -3.16 -7.40
C GLY C 218 -12.98 -2.39 -7.36
N LYS C 219 -13.21 -1.67 -6.25
CA LYS C 219 -14.40 -0.85 -6.14
C LYS C 219 -14.34 0.36 -7.06
N GLY C 220 -13.19 0.68 -7.62
CA GLY C 220 -13.04 1.69 -8.63
C GLY C 220 -13.26 1.21 -10.04
N LYS C 221 -13.70 -0.03 -10.22
CA LYS C 221 -14.01 -0.54 -11.55
C LYS C 221 -15.21 0.19 -12.13
N TYR C 222 -15.11 0.55 -13.41
CA TYR C 222 -16.07 1.39 -14.14
C TYR C 222 -16.07 2.84 -13.65
N TYR C 223 -15.10 3.23 -12.83
CA TYR C 223 -14.97 4.61 -12.38
C TYR C 223 -13.79 5.33 -13.01
N ALA C 224 -13.17 4.74 -14.03
CA ALA C 224 -12.14 5.39 -14.82
C ALA C 224 -12.58 5.37 -16.28
N VAL C 225 -12.77 6.55 -16.86
CA VAL C 225 -13.31 6.70 -18.21
C VAL C 225 -12.23 7.28 -19.11
N ASN C 226 -12.05 6.66 -20.27
CA ASN C 226 -11.07 7.10 -21.26
C ASN C 226 -11.73 7.13 -22.64
N PHE C 227 -11.49 8.22 -23.38
CA PHE C 227 -11.97 8.37 -24.75
C PHE C 227 -10.77 8.50 -25.66
N PRO C 228 -10.25 7.41 -26.20
CA PRO C 228 -9.10 7.50 -27.12
C PRO C 228 -9.50 8.16 -28.43
N MET C 229 -8.73 9.16 -28.84
CA MET C 229 -8.99 9.93 -30.04
C MET C 229 -7.81 9.84 -31.00
N ARG C 230 -8.02 10.36 -32.20
CA ARG C 230 -7.01 10.40 -33.26
C ARG C 230 -6.69 11.85 -33.59
N ASP C 231 -5.97 12.06 -34.70
CA ASP C 231 -5.48 13.37 -35.07
C ASP C 231 -6.57 14.21 -35.72
N GLY C 232 -6.59 15.51 -35.39
CA GLY C 232 -7.38 16.47 -36.15
C GLY C 232 -8.82 16.60 -35.76
N ILE C 233 -9.21 16.19 -34.55
CA ILE C 233 -10.59 16.36 -34.12
C ILE C 233 -10.88 17.84 -33.92
N ASP C 234 -12.01 18.29 -34.46
CA ASP C 234 -12.36 19.71 -34.44
C ASP C 234 -13.41 19.99 -33.37
N ASP C 235 -13.98 21.19 -33.40
CA ASP C 235 -14.92 21.61 -32.35
C ASP C 235 -16.22 20.82 -32.41
N GLU C 236 -16.76 20.60 -33.62
CA GLU C 236 -18.03 19.91 -33.74
C GLU C 236 -17.92 18.45 -33.31
N SER C 237 -16.86 17.77 -33.73
CA SER C 237 -16.69 16.37 -33.34
C SER C 237 -16.38 16.22 -31.86
N TYR C 238 -15.66 17.19 -31.28
CA TYR C 238 -15.31 17.10 -29.86
C TYR C 238 -16.52 17.37 -28.98
N GLY C 239 -17.35 18.35 -29.34
CA GLY C 239 -18.52 18.67 -28.55
C GLY C 239 -19.62 17.63 -28.66
N GLN C 240 -19.68 16.92 -29.79
CA GLN C 240 -20.70 15.89 -29.97
C GLN C 240 -20.48 14.69 -29.06
N ILE C 241 -19.28 14.54 -28.48
CA ILE C 241 -19.01 13.44 -27.58
C ILE C 241 -18.75 13.91 -26.16
N PHE C 242 -18.29 15.15 -25.96
CA PHE C 242 -18.02 15.63 -24.61
C PHE C 242 -19.31 15.80 -23.82
N LYS C 243 -20.28 16.51 -24.40
CA LYS C 243 -21.51 16.79 -23.66
C LYS C 243 -22.33 15.53 -23.36
N PRO C 244 -22.54 14.60 -24.30
CA PRO C 244 -23.31 13.39 -23.94
C PRO C 244 -22.62 12.53 -22.90
N ILE C 245 -21.28 12.45 -22.92
CA ILE C 245 -20.57 11.63 -21.94
C ILE C 245 -20.62 12.29 -20.56
N ILE C 246 -20.32 13.59 -20.49
CA ILE C 246 -20.30 14.28 -19.21
C ILE C 246 -21.69 14.32 -18.60
N SER C 247 -22.71 14.60 -19.42
CA SER C 247 -24.08 14.59 -18.92
C SER C 247 -24.48 13.21 -18.42
N LYS C 248 -23.91 12.16 -19.01
CA LYS C 248 -24.17 10.80 -18.53
C LYS C 248 -23.35 10.47 -17.29
N VAL C 249 -22.14 11.01 -17.18
CA VAL C 249 -21.34 10.82 -15.97
C VAL C 249 -21.98 11.54 -14.79
N MET C 250 -22.54 12.73 -15.03
CA MET C 250 -23.16 13.49 -13.94
C MET C 250 -24.37 12.77 -13.37
N GLU C 251 -25.21 12.19 -14.24
CA GLU C 251 -26.43 11.54 -13.78
C GLU C 251 -26.19 10.18 -13.15
N MET C 252 -25.08 9.52 -13.48
CA MET C 252 -24.80 8.19 -12.94
C MET C 252 -23.91 8.24 -11.70
N TYR C 253 -23.00 9.21 -11.63
CA TYR C 253 -22.03 9.30 -10.55
C TYR C 253 -22.43 10.27 -9.45
N GLN C 254 -23.23 11.29 -9.78
CA GLN C 254 -23.66 12.32 -8.84
C GLN C 254 -22.47 12.92 -8.10
N PRO C 255 -21.62 13.68 -8.77
CA PRO C 255 -20.47 14.26 -8.08
C PRO C 255 -20.86 15.45 -7.22
N SER C 256 -20.23 15.56 -6.06
CA SER C 256 -20.39 16.73 -5.21
C SER C 256 -19.31 17.78 -5.45
N ALA C 257 -18.27 17.44 -6.21
CA ALA C 257 -17.22 18.39 -6.56
C ALA C 257 -16.60 17.92 -7.88
N VAL C 258 -16.16 18.90 -8.69
CA VAL C 258 -15.62 18.63 -10.01
C VAL C 258 -14.29 19.35 -10.16
N VAL C 259 -13.28 18.64 -10.66
CA VAL C 259 -11.98 19.20 -10.98
C VAL C 259 -11.78 19.07 -12.48
N LEU C 260 -11.67 20.20 -13.17
CA LEU C 260 -11.53 20.24 -14.62
C LEU C 260 -10.12 20.69 -14.97
N GLN C 261 -9.31 19.77 -15.49
CA GLN C 261 -7.98 20.10 -15.98
C GLN C 261 -8.11 20.65 -17.40
N CYS C 262 -7.74 21.91 -17.59
CA CYS C 262 -7.95 22.60 -18.86
C CYS C 262 -6.64 22.65 -19.66
N GLY C 263 -6.20 21.47 -20.07
CA GLY C 263 -5.01 21.37 -20.91
C GLY C 263 -5.19 22.06 -22.24
N ALA C 264 -4.47 23.16 -22.47
CA ALA C 264 -4.62 23.95 -23.67
C ALA C 264 -3.88 23.38 -24.87
N ASP C 265 -3.12 22.30 -24.70
CA ASP C 265 -2.39 21.71 -25.81
C ASP C 265 -3.27 20.94 -26.77
N SER C 266 -4.57 20.83 -26.50
CA SER C 266 -5.52 20.26 -27.45
C SER C 266 -6.02 21.28 -28.45
N LEU C 267 -5.49 22.50 -28.43
CA LEU C 267 -5.88 23.54 -29.37
C LEU C 267 -5.25 23.30 -30.73
N SER C 268 -5.80 23.97 -31.74
CA SER C 268 -5.29 23.84 -33.10
C SER C 268 -3.94 24.52 -33.21
N GLY C 269 -2.97 23.80 -33.80
CA GLY C 269 -1.65 24.36 -34.01
C GLY C 269 -0.77 24.39 -32.78
N ASP C 270 -0.89 23.40 -31.90
CA ASP C 270 -0.03 23.33 -30.73
C ASP C 270 1.34 22.78 -31.12
N ARG C 271 2.36 23.13 -30.32
CA ARG C 271 3.72 22.69 -30.60
C ARG C 271 3.83 21.16 -30.49
N LEU C 272 3.16 20.58 -29.49
CA LEU C 272 3.17 19.13 -29.29
C LEU C 272 1.85 18.46 -29.63
N GLY C 273 0.77 19.23 -29.76
CA GLY C 273 -0.54 18.64 -29.98
C GLY C 273 -0.87 18.47 -31.46
N CYS C 274 -1.76 17.51 -31.72
CA CYS C 274 -2.21 17.24 -33.08
C CYS C 274 -3.74 17.29 -33.20
N PHE C 275 -4.41 18.03 -32.31
CA PHE C 275 -5.85 18.24 -32.42
C PHE C 275 -6.13 19.51 -33.23
N ASN C 276 -7.41 19.79 -33.44
CA ASN C 276 -7.86 20.93 -34.22
C ASN C 276 -8.97 21.67 -33.50
N LEU C 277 -8.78 21.95 -32.22
CA LEU C 277 -9.75 22.69 -31.44
C LEU C 277 -9.43 24.18 -31.44
N THR C 278 -10.47 25.00 -31.36
CA THR C 278 -10.32 26.44 -31.22
C THR C 278 -10.57 26.83 -29.76
N VAL C 279 -10.35 28.11 -29.47
CA VAL C 279 -10.57 28.61 -28.12
C VAL C 279 -12.05 28.51 -27.76
N LYS C 280 -12.94 28.72 -28.74
CA LYS C 280 -14.37 28.58 -28.48
C LYS C 280 -14.74 27.12 -28.21
N GLY C 281 -14.19 26.20 -29.00
CA GLY C 281 -14.49 24.79 -28.78
C GLY C 281 -13.85 24.23 -27.53
N HIS C 282 -12.65 24.71 -27.18
CA HIS C 282 -12.02 24.29 -25.93
C HIS C 282 -12.77 24.82 -24.73
N ALA C 283 -13.16 26.10 -24.77
CA ALA C 283 -13.91 26.68 -23.65
C ALA C 283 -15.32 26.14 -23.56
N LYS C 284 -15.81 25.48 -24.62
CA LYS C 284 -17.13 24.86 -24.56
C LYS C 284 -17.20 23.81 -23.45
N CYS C 285 -16.08 23.13 -23.18
CA CYS C 285 -16.06 22.15 -22.10
C CYS C 285 -16.24 22.81 -20.74
N VAL C 286 -15.75 24.04 -20.58
CA VAL C 286 -15.95 24.77 -19.33
C VAL C 286 -17.41 25.20 -19.18
N GLU C 287 -18.07 25.53 -20.30
CA GLU C 287 -19.48 25.89 -20.25
C GLU C 287 -20.36 24.71 -19.89
N VAL C 288 -19.99 23.51 -20.34
CA VAL C 288 -20.81 22.33 -20.07
C VAL C 288 -20.76 21.96 -18.59
N VAL C 289 -19.57 21.97 -17.99
CA VAL C 289 -19.44 21.57 -16.59
C VAL C 289 -20.07 22.59 -15.65
N LYS C 290 -20.21 23.85 -16.09
CA LYS C 290 -20.80 24.88 -15.24
C LYS C 290 -22.32 24.79 -15.18
N THR C 291 -22.95 24.10 -16.14
CA THR C 291 -24.41 23.99 -16.14
C THR C 291 -24.92 23.22 -14.93
N PHE C 292 -24.13 22.27 -14.42
CA PHE C 292 -24.56 21.44 -13.29
C PHE C 292 -24.42 22.16 -11.96
N ASN C 293 -23.81 23.34 -11.93
CA ASN C 293 -23.72 24.18 -10.73
C ASN C 293 -23.12 23.44 -9.54
N LEU C 294 -21.95 22.85 -9.78
CA LEU C 294 -21.20 22.14 -8.76
C LEU C 294 -19.91 22.87 -8.43
N PRO C 295 -19.36 22.68 -7.23
CA PRO C 295 -18.05 23.28 -6.91
C PRO C 295 -17.00 22.84 -7.91
N LEU C 296 -16.47 23.81 -8.66
CA LEU C 296 -15.57 23.54 -9.78
C LEU C 296 -14.18 24.06 -9.45
N LEU C 297 -13.16 23.23 -9.73
CA LEU C 297 -11.76 23.60 -9.59
C LEU C 297 -11.12 23.52 -10.96
N MET C 298 -10.85 24.68 -11.56
CA MET C 298 -10.29 24.77 -12.89
C MET C 298 -8.77 24.90 -12.80
N LEU C 299 -8.05 23.99 -13.45
CA LEU C 299 -6.60 23.96 -13.41
C LEU C 299 -6.03 24.03 -14.83
N GLY C 300 -4.74 24.32 -14.90
CA GLY C 300 -4.07 24.41 -16.18
C GLY C 300 -3.54 23.07 -16.67
N GLY C 301 -2.32 23.06 -17.19
CA GLY C 301 -1.72 21.83 -17.66
C GLY C 301 -0.94 22.00 -18.95
N GLY C 302 -1.41 21.37 -20.02
CA GLY C 302 -0.73 21.45 -21.29
C GLY C 302 -0.90 22.81 -21.95
N GLY C 303 -0.19 22.98 -23.06
CA GLY C 303 -0.21 24.22 -23.80
C GLY C 303 1.20 24.71 -24.12
N TYR C 304 1.59 24.63 -25.40
CA TYR C 304 2.96 24.90 -25.78
C TYR C 304 3.10 25.85 -26.96
N THR C 305 2.01 26.38 -27.49
CA THR C 305 2.03 27.60 -28.30
C THR C 305 1.51 28.72 -27.40
N ILE C 306 2.43 29.58 -26.95
CA ILE C 306 2.22 30.33 -25.72
C ILE C 306 1.06 31.32 -25.87
N ARG C 307 1.00 32.05 -26.98
CA ARG C 307 -0.05 33.06 -27.11
C ARG C 307 -1.43 32.44 -27.22
N ASN C 308 -1.53 31.18 -27.67
CA ASN C 308 -2.82 30.50 -27.68
C ASN C 308 -3.20 29.99 -26.30
N VAL C 309 -2.22 29.71 -25.45
CA VAL C 309 -2.51 29.34 -24.06
C VAL C 309 -3.06 30.54 -23.31
N ALA C 310 -2.50 31.72 -23.54
CA ALA C 310 -3.02 32.93 -22.91
C ALA C 310 -4.42 33.25 -23.43
N ARG C 311 -4.68 33.01 -24.71
CA ARG C 311 -6.00 33.24 -25.27
C ARG C 311 -7.03 32.27 -24.71
N CYS C 312 -6.65 31.00 -24.56
CA CYS C 312 -7.60 29.98 -24.14
C CYS C 312 -7.98 30.16 -22.67
N TRP C 313 -6.98 30.30 -21.80
CA TRP C 313 -7.27 30.37 -20.36
C TRP C 313 -7.85 31.73 -19.96
N THR C 314 -7.66 32.77 -20.76
CA THR C 314 -8.30 34.05 -20.47
C THR C 314 -9.79 33.99 -20.81
N TYR C 315 -10.13 33.48 -22.00
CA TYR C 315 -11.52 33.35 -22.38
C TYR C 315 -12.26 32.35 -21.48
N GLU C 316 -11.55 31.33 -20.98
CA GLU C 316 -12.17 30.40 -20.04
C GLU C 316 -12.32 31.00 -18.65
N THR C 317 -11.45 31.96 -18.29
CA THR C 317 -11.65 32.70 -17.05
C THR C 317 -12.89 33.59 -17.15
N ALA C 318 -13.12 34.18 -18.33
CA ALA C 318 -14.34 34.96 -18.54
C ALA C 318 -15.56 34.07 -18.60
N VAL C 319 -15.43 32.84 -19.09
CA VAL C 319 -16.54 31.89 -19.09
C VAL C 319 -16.92 31.55 -17.65
N ALA C 320 -15.92 31.35 -16.79
CA ALA C 320 -16.20 31.07 -15.38
C ALA C 320 -16.83 32.28 -14.69
N LEU C 321 -16.54 33.49 -15.16
CA LEU C 321 -17.15 34.70 -14.63
C LEU C 321 -18.48 35.03 -15.29
N ASP C 322 -18.90 34.25 -16.28
CA ASP C 322 -20.19 34.43 -16.95
C ASP C 322 -20.31 35.80 -17.62
N CYS C 323 -19.18 36.39 -18.00
CA CYS C 323 -19.17 37.67 -18.69
C CYS C 323 -18.44 37.54 -20.01
N GLU C 324 -19.02 38.12 -21.06
CA GLU C 324 -18.42 38.07 -22.38
C GLU C 324 -17.32 39.11 -22.51
N ILE C 325 -16.30 38.78 -23.29
CA ILE C 325 -15.18 39.69 -23.52
C ILE C 325 -15.04 39.91 -25.03
N PRO C 326 -14.61 41.09 -25.47
CA PRO C 326 -14.53 41.36 -26.90
C PRO C 326 -13.50 40.48 -27.60
N ASN C 327 -13.69 40.34 -28.92
CA ASN C 327 -12.76 39.55 -29.71
C ASN C 327 -11.44 40.28 -29.91
N GLU C 328 -11.45 41.61 -29.89
CA GLU C 328 -10.22 42.38 -30.00
C GLU C 328 -9.54 42.45 -28.64
N LEU C 329 -8.23 42.21 -28.64
CA LEU C 329 -7.49 42.15 -27.39
C LEU C 329 -7.10 43.55 -26.94
N PRO C 330 -7.30 43.90 -25.67
CA PRO C 330 -6.78 45.17 -25.16
C PRO C 330 -5.26 45.13 -25.10
N TYR C 331 -4.67 46.31 -24.90
CA TYR C 331 -3.23 46.40 -24.82
C TYR C 331 -2.73 45.67 -23.58
N ASN C 332 -1.66 44.89 -23.75
CA ASN C 332 -1.07 44.15 -22.64
C ASN C 332 0.45 44.16 -22.81
N ASP C 333 1.15 43.74 -21.75
CA ASP C 333 2.61 43.76 -21.75
C ASP C 333 3.21 42.78 -22.75
N TYR C 334 2.41 41.92 -23.36
CA TYR C 334 2.87 40.94 -24.34
C TYR C 334 2.02 41.03 -25.60
N PHE C 335 1.65 42.25 -25.99
CA PHE C 335 0.73 42.45 -27.10
C PHE C 335 1.32 41.99 -28.42
N GLU C 336 2.64 42.05 -28.57
CA GLU C 336 3.28 41.61 -29.80
C GLU C 336 3.16 40.12 -30.03
N TYR C 337 2.92 39.34 -28.98
CA TYR C 337 2.84 37.88 -29.13
C TYR C 337 1.59 37.47 -29.91
N PHE C 338 0.53 38.27 -29.87
CA PHE C 338 -0.76 37.89 -30.43
C PHE C 338 -0.95 38.35 -31.87
N GLY C 339 0.12 38.73 -32.56
CA GLY C 339 0.03 39.17 -33.93
C GLY C 339 -0.38 38.04 -34.87
N PRO C 340 -0.73 38.39 -36.12
CA PRO C 340 -0.76 39.77 -36.62
C PRO C 340 -2.11 40.47 -36.47
N ASP C 341 -3.16 39.69 -36.18
CA ASP C 341 -4.50 40.25 -36.06
C ASP C 341 -4.84 40.71 -34.65
N PHE C 342 -4.10 40.23 -33.64
CA PHE C 342 -4.31 40.64 -32.24
C PHE C 342 -5.73 40.38 -31.78
N LYS C 343 -6.28 39.24 -32.17
CA LYS C 343 -7.63 38.83 -31.79
C LYS C 343 -7.59 37.79 -30.69
N LEU C 344 -8.71 37.69 -29.96
CA LEU C 344 -8.79 36.77 -28.84
C LEU C 344 -8.92 35.32 -29.29
N HIS C 345 -9.82 35.05 -30.24
CA HIS C 345 -10.09 33.70 -30.68
C HIS C 345 -9.24 33.34 -31.89
N ILE C 346 -8.96 32.05 -32.04
CA ILE C 346 -8.12 31.56 -33.10
C ILE C 346 -8.99 30.88 -34.16
N SER C 347 -8.36 30.52 -35.28
CA SER C 347 -9.03 29.85 -36.38
C SER C 347 -8.51 28.44 -36.55
N PRO C 348 -9.36 27.47 -36.88
CA PRO C 348 -8.89 26.10 -37.06
C PRO C 348 -8.01 25.96 -38.30
N SER C 349 -7.20 24.91 -38.30
CA SER C 349 -6.26 24.65 -39.38
C SER C 349 -6.96 23.85 -40.48
N ASN C 350 -6.17 23.36 -41.44
CA ASN C 350 -6.70 22.59 -42.56
C ASN C 350 -6.35 21.11 -42.46
N MET C 351 -6.02 20.63 -41.27
CA MET C 351 -5.68 19.22 -41.09
C MET C 351 -6.92 18.36 -41.14
N THR C 352 -6.73 17.11 -41.55
CA THR C 352 -7.84 16.17 -41.70
C THR C 352 -8.19 15.55 -40.36
N ASN C 353 -9.49 15.41 -40.11
CA ASN C 353 -10.00 14.78 -38.88
C ASN C 353 -9.96 13.27 -39.07
N GLN C 354 -8.96 12.64 -38.47
CA GLN C 354 -8.80 11.18 -38.56
C GLN C 354 -9.83 10.42 -37.75
N ASN C 355 -10.68 11.11 -36.99
CA ASN C 355 -11.73 10.47 -36.19
C ASN C 355 -12.97 10.33 -37.04
N THR C 356 -13.12 9.16 -37.68
CA THR C 356 -14.28 8.90 -38.49
C THR C 356 -15.53 8.80 -37.62
N PRO C 357 -16.69 9.25 -38.12
CA PRO C 357 -17.92 9.15 -37.33
C PRO C 357 -18.27 7.73 -36.91
N GLU C 358 -17.79 6.72 -37.62
CA GLU C 358 -17.97 5.34 -37.15
C GLU C 358 -17.06 5.05 -35.96
N TYR C 359 -15.83 5.56 -35.98
CA TYR C 359 -14.90 5.33 -34.88
C TYR C 359 -15.36 6.05 -33.62
N MET C 360 -15.76 7.31 -33.74
CA MET C 360 -16.19 8.07 -32.57
C MET C 360 -17.48 7.52 -31.98
N GLU C 361 -18.34 6.92 -32.81
CA GLU C 361 -19.59 6.36 -32.29
C GLU C 361 -19.37 5.02 -31.61
N LYS C 362 -18.41 4.22 -32.08
CA LYS C 362 -18.13 2.93 -31.44
C LYS C 362 -17.61 3.12 -30.03
N ILE C 363 -16.67 4.04 -29.83
CA ILE C 363 -16.17 4.34 -28.50
C ILE C 363 -17.25 4.99 -27.66
N LYS C 364 -18.09 5.82 -28.28
CA LYS C 364 -19.15 6.51 -27.55
C LYS C 364 -20.15 5.51 -26.98
N GLN C 365 -20.47 4.47 -27.73
CA GLN C 365 -21.37 3.42 -27.21
C GLN C 365 -20.68 2.60 -26.13
N ARG C 366 -19.36 2.42 -26.22
CA ARG C 366 -18.64 1.61 -25.24
C ARG C 366 -18.65 2.29 -23.88
N LEU C 367 -18.55 3.62 -23.85
CA LEU C 367 -18.55 4.36 -22.59
C LEU C 367 -19.95 4.40 -21.97
N PHE C 368 -20.99 4.57 -22.79
CA PHE C 368 -22.34 4.67 -22.25
C PHE C 368 -22.76 3.38 -21.56
N GLU C 369 -22.38 2.23 -22.11
CA GLU C 369 -22.72 0.96 -21.48
C GLU C 369 -21.83 0.68 -20.28
N ASN C 370 -20.61 1.25 -20.25
CA ASN C 370 -19.79 1.17 -19.05
C ASN C 370 -20.34 2.06 -17.95
N LEU C 371 -20.94 3.20 -18.31
CA LEU C 371 -21.59 4.06 -17.33
C LEU C 371 -22.86 3.44 -16.77
N ARG C 372 -23.48 2.52 -17.52
CA ARG C 372 -24.69 1.85 -17.04
CA ARG C 372 -24.69 1.85 -17.03
C ARG C 372 -24.40 0.87 -15.91
N MET C 373 -23.14 0.61 -15.60
CA MET C 373 -22.75 -0.31 -14.54
C MET C 373 -22.68 0.37 -13.17
N LEU C 374 -22.69 1.69 -13.12
CA LEU C 374 -22.58 2.39 -11.84
C LEU C 374 -23.89 2.28 -11.07
N PRO C 375 -23.83 2.01 -9.76
CA PRO C 375 -25.01 1.93 -8.89
C PRO C 375 -25.76 3.26 -8.82
N U2M D 1 6.57 -26.75 4.23
CA U2M D 1 5.55 -26.65 3.51
C U2M D 1 4.41 -27.11 3.99
O U2M D 1 3.39 -26.56 3.76
CB U2M D 1 5.83 -27.41 2.21
CG U2M D 1 5.94 -26.45 1.03
CD U2M D 1 6.53 -27.21 -0.16
CE U2M D 1 5.79 -26.78 -1.42
CZ U2M D 1 6.74 -26.87 -2.60
SH U2M D 1 6.08 -26.25 -3.92
N ASN D 2 4.48 -28.24 4.69
CA ASN D 2 3.28 -28.92 5.16
C ASN D 2 2.84 -28.41 6.52
N PRO D 3 1.68 -27.75 6.57
CA PRO D 3 1.17 -27.31 7.87
C PRO D 3 0.86 -28.45 8.83
N GLU D 4 0.57 -29.65 8.29
CA GLU D 4 0.22 -30.77 9.15
C GLU D 4 1.43 -31.35 9.87
N GLN D 5 2.65 -31.01 9.44
CA GLN D 5 3.84 -31.61 10.00
C GLN D 5 5.09 -30.76 9.79
N DLY D 6 5.77 -30.45 10.89
CA DLY D 6 7.06 -29.78 10.83
C DLY D 6 6.91 -28.27 10.63
O DLY D 6 5.91 -27.66 11.08
CB DLY D 6 7.79 -30.02 12.15
CG DLY D 6 8.83 -31.12 12.00
CD DLY D 6 9.45 -31.40 13.37
CE DLY D 6 10.55 -32.46 13.25
NZ DLY D 6 11.73 -31.87 12.65
N TRP D 7 7.89 -27.67 9.97
CA TRP D 7 7.99 -26.22 9.85
C TRP D 7 7.90 -25.73 8.41
N GLY D 8 8.01 -26.66 7.47
CA GLY D 8 8.06 -26.31 6.06
C GLY D 8 6.73 -26.10 5.37
N U2M E 1 -17.73 1.71 27.67
CA U2M E 1 -16.85 2.02 26.82
C U2M E 1 -17.20 1.78 25.58
O U2M E 1 -16.85 2.50 24.70
CB U2M E 1 -15.58 1.24 27.15
CG U2M E 1 -14.41 2.22 27.15
CD U2M E 1 -13.11 1.49 27.40
CE U2M E 1 -11.98 2.28 26.74
CZ U2M E 1 -10.71 2.17 27.57
SH U2M E 1 -9.53 3.03 26.91
N ASN E 2 -17.94 0.71 25.36
CA ASN E 2 -18.41 0.35 24.03
C ASN E 2 -19.91 0.60 23.91
N PRO E 3 -20.27 1.73 23.28
CA PRO E 3 -21.70 2.08 23.16
C PRO E 3 -22.46 1.18 22.19
N GLU E 4 -21.80 0.53 21.25
CA GLU E 4 -22.46 -0.35 20.29
C GLU E 4 -22.61 -1.77 20.82
N GLN E 5 -22.85 -1.93 22.12
CA GLN E 5 -23.02 -3.25 22.73
C GLN E 5 -23.76 -3.10 24.05
N DLY E 6 -23.02 -3.22 25.15
CA DLY E 6 -23.51 -2.93 26.50
C DLY E 6 -23.77 -1.42 26.63
O DLY E 6 -24.33 -0.77 25.70
CB DLY E 6 -24.71 -3.78 26.91
CG DLY E 6 -24.29 -4.72 28.04
CD DLY E 6 -25.35 -5.80 28.25
CE DLY E 6 -24.93 -7.09 27.55
NZ DLY E 6 -23.74 -7.63 28.20
N TRP E 7 -23.37 -0.86 27.76
CA TRP E 7 -23.21 0.59 27.86
C TRP E 7 -22.02 0.90 28.74
N GLY E 8 -21.03 1.58 28.17
CA GLY E 8 -19.82 1.94 28.85
C GLY E 8 -18.80 2.46 27.86
N U2M F 1 6.99 13.05 -24.77
CA U2M F 1 6.29 14.08 -24.95
C U2M F 1 6.81 15.02 -25.73
O U2M F 1 6.10 15.78 -26.28
CB U2M F 1 6.04 14.71 -23.57
CG U2M F 1 4.58 15.10 -23.45
CD U2M F 1 4.42 16.08 -22.28
CE U2M F 1 3.02 16.70 -22.29
CZ U2M F 1 2.62 17.05 -20.87
SH U2M F 1 1.23 17.84 -20.81
N ASN F 2 8.14 15.04 -25.84
CA ASN F 2 8.82 16.04 -26.66
C ASN F 2 9.61 15.39 -27.78
N PRO F 3 8.98 15.25 -28.97
CA PRO F 3 9.62 14.67 -30.15
C PRO F 3 10.82 15.49 -30.62
N TRP F 7 10.72 9.17 -28.03
CA TRP F 7 9.44 8.49 -27.87
C TRP F 7 8.71 8.98 -26.62
N GLY F 8 8.59 10.30 -26.50
CA GLY F 8 7.95 10.90 -25.35
C GLY F 8 7.10 12.11 -25.71
ZN ZN G . 4.62 -24.48 -3.88
NA NA H . 6.20 -18.12 -6.90
NA NA I . 19.66 -12.45 -11.11
C3' NHE J . 22.02 -33.52 -27.00
C2' NHE J . 20.64 -34.02 -27.42
C1' NHE J . 20.72 -35.32 -28.23
C6' NHE J . 22.09 -36.00 -28.17
N NHE J . 19.70 -36.26 -27.74
C1 NHE J . 18.38 -35.72 -27.97
C2 NHE J . 17.69 -36.48 -29.10
S NHE J . 15.89 -36.22 -29.01
O1 NHE J . 15.37 -36.47 -27.62
O2 NHE J . 15.53 -34.83 -29.50
O3 NHE J . 15.16 -37.28 -29.80
C5' NHE J . 22.74 -35.96 -26.78
C4' NHE J . 22.74 -34.57 -26.15
C1 PGE K . 27.49 -18.94 -16.61
O1 PGE K . 27.92 -20.27 -16.73
C2 PGE K . 26.69 -18.78 -15.32
O2 PGE K . 26.54 -17.42 -15.04
C3 PGE K . 25.53 -17.17 -14.11
C4 PGE K . 26.00 -17.51 -12.70
O4 PGE K . 26.51 -21.44 -10.91
C6 PGE K . 25.40 -20.61 -10.83
C5 PGE K . 25.83 -19.16 -11.05
O3 PGE K . 25.50 -18.77 -12.34
C1 PGE L . -11.46 -39.64 -4.67
O1 PGE L . -10.28 -39.90 -5.38
C2 PGE L . -12.43 -38.87 -5.57
O2 PGE L . -13.20 -38.02 -4.77
C3 PGE L . -13.80 -36.98 -5.49
C4 PGE L . -12.86 -35.77 -5.49
O4 PGE L . -15.42 -33.81 -2.22
C6 PGE L . -15.07 -33.68 -3.56
C5 PGE L . -13.75 -34.40 -3.81
O3 PGE L . -13.59 -34.61 -5.18
O1 PG4 M . 6.43 -50.11 -12.61
C1 PG4 M . 7.34 -49.53 -13.51
C2 PG4 M . 8.63 -49.19 -12.77
O2 PG4 M . 8.39 -48.14 -11.88
C3 PG4 M . 9.55 -47.64 -11.27
C4 PG4 M . 9.15 -46.55 -10.27
O3 PG4 M . 9.87 -46.72 -9.08
C5 PG4 M . 9.08 -46.98 -7.96
C6 PG4 M . 9.60 -48.22 -7.23
O4 PG4 M . 10.79 -47.94 -6.54
C7 PG4 M . 11.97 -48.29 -7.22
C8 PG4 M . 13.00 -48.88 -6.27
O5 PG4 M . 14.27 -48.83 -6.84
ZN ZN N . -9.86 5.14 26.24
NA NA O . -7.30 10.96 29.37
NA NA P . -2.93 12.84 43.64
O1 PG4 Q . -4.93 -20.51 25.76
C1 PG4 Q . -4.83 -20.07 24.44
C2 PG4 Q . -4.41 -18.59 24.43
O2 PG4 Q . -3.87 -18.28 23.17
C3 PG4 Q . -3.41 -16.97 23.07
C4 PG4 Q . -2.27 -16.70 24.07
O3 PG4 Q . -1.25 -17.62 23.88
C5 PG4 Q . 0.03 -17.05 23.81
C6 PG4 Q . 0.97 -17.79 24.76
O4 PG4 Q . 0.83 -19.19 24.59
C7 PG4 Q . 1.29 -19.95 25.66
C8 PG4 Q . 1.15 -21.44 25.35
O5 PG4 Q . -0.06 -21.93 25.86
C1 PGE R . -9.81 1.07 5.41
O1 PGE R . -9.81 2.36 4.86
C2 PGE R . -8.50 0.38 5.04
O2 PGE R . -8.49 -0.90 5.60
C3 PGE R . -8.39 -1.94 4.68
C4 PGE R . -7.59 -3.08 5.31
O4 PGE R . -7.32 -6.35 7.84
C6 PGE R . -7.65 -5.16 7.18
C5 PGE R . -7.60 -5.39 5.67
O3 PGE R . -8.17 -4.30 5.01
O1 PG4 S . 1.73 18.93 8.59
C1 PG4 S . 0.88 17.82 8.43
C2 PG4 S . 1.16 17.16 7.08
O2 PG4 S . 1.63 15.86 7.29
C3 PG4 S . 2.28 15.31 6.18
C4 PG4 S . 3.20 14.20 6.64
O3 PG4 S . 4.40 14.76 7.13
C5 PG4 S . 5.46 13.84 7.23
C6 PG4 S . 6.67 14.53 7.87
O4 PG4 S . 6.27 15.21 9.02
C7 PG4 S . 7.26 16.04 9.57
C8 PG4 S . 6.64 16.99 10.58
O5 PG4 S . 6.27 18.20 9.96
ZN ZN T . -0.62 17.46 -22.50
NA NA U . -6.78 14.19 -21.36
NA NA V . -11.72 5.76 -9.78
C1 PGE W . -5.67 7.30 -3.16
O1 PGE W . -4.95 7.67 -2.02
C2 PGE W . -7.00 6.68 -2.75
O2 PGE W . -7.87 7.69 -2.31
C3 PGE W . -9.01 7.22 -1.68
C4 PGE W . -9.22 8.05 -0.42
O4 PGE W . -9.67 6.99 3.49
C6 PGE W . -10.29 6.70 2.27
C5 PGE W . -10.54 8.00 1.51
O3 PGE W . -10.47 7.75 0.13
C1 PGE X . -27.52 7.87 -39.67
O1 PGE X . -27.47 8.07 -38.28
C2 PGE X . -28.55 6.80 -40.00
O2 PGE X . -29.76 7.12 -39.38
C3 PGE X . -30.89 6.75 -40.11
C4 PGE X . -31.63 5.63 -39.37
O4 PGE X . -29.44 2.28 -39.13
C6 PGE X . -29.94 3.20 -40.04
C5 PGE X . -31.45 3.33 -39.84
O3 PGE X . -31.89 4.59 -40.27
#